data_3B5Z
#
_entry.id   3B5Z
#
_cell.length_a   267.169
_cell.length_b   121.103
_cell.length_c   176.744
_cell.angle_alpha   90.00
_cell.angle_beta   121.57
_cell.angle_gamma   90.00
#
_symmetry.space_group_name_H-M   'C 1 2 1'
#
loop_
_entity.id
_entity.type
_entity.pdbx_description
1 polymer 'Lipid A export ATP-binding/permease protein msbA'
2 non-polymer "ADENOSINE-5'-DIPHOSPHATE"
3 non-polymer 'VANADATE ION'
#
_entity_poly.entity_id   1
_entity_poly.type   'polypeptide(L)'
_entity_poly.pdbx_seq_one_letter_code
;MHNDKDLSTWQTFRRLWPTIAPFKAGLIVAGIALILNAASDTFMLSLLKPLLDDGFGKTDRSVLLWMPLVVIGLMILRGI
TSYISSYCISWVSGKVVMTMRRRLFGHMMGMPVAFFDKQSTGTLLSRITYDSEQVASSSSGALITVVREGASIIGLFIMM
FYYSWQLSIILVVLAPIVSIAIRVVSKRFRSISKNMQNTMGQVTTSAEQMLKGHKEVLIFGGQEVETKRFDKVSNKMRLQ
GMKMVSASSISDPIIQLIASLALAFVLYAASFPSVMDSLTAGTITVVFSSMIALMRPLKSLTNVNAQFQRGMAACQTLFA
ILDSEQEKDEGKRVIDRATGDLEFRNVTFTYPGREVPALRNINLKIPAGKTVALVGRSGSGKSTIASLITRFYDIDEGHI
LMDGHDLREYTLASLRNQVALVSQNVHLFNDTVANNIAYARTEEYSREQIEEAARMAYAMDFINKMDNGLDTIIGENGVL
LSGGQRQRIAIARALLRDSPILILDEATSALDTESERAIQAALDELQKNRTSLVIAHRLSTIEQADEIVVVEDGIIVERG
THSELLAQHGVYAQLHKMQFGQ
;
_entity_poly.pdbx_strand_id   A,B,C,D
#
loop_
_chem_comp.id
_chem_comp.type
_chem_comp.name
_chem_comp.formula
ADP non-polymer ADENOSINE-5'-DIPHOSPHATE 'C10 H15 N5 O10 P2'
VO4 non-polymer 'VANADATE ION' 'O4 V -3'
#
# COMPACT_ATOMS: atom_id res chain seq x y z
CA TRP A 10 -18.03 -26.49 -45.63
CA GLN A 11 -15.24 -26.86 -43.11
CA THR A 12 -14.12 -29.44 -40.61
CA PHE A 13 -17.87 -29.79 -40.27
CA ARG A 14 -18.35 -31.36 -43.67
CA ARG A 15 -15.82 -33.91 -42.46
CA LEU A 16 -17.05 -33.97 -38.86
CA TRP A 17 -20.31 -35.30 -40.28
CA PRO A 18 -18.54 -38.28 -41.80
CA THR A 19 -17.03 -39.55 -38.52
CA ILE A 20 -19.65 -37.98 -36.27
CA ALA A 21 -22.06 -39.82 -38.57
CA PRO A 22 -21.34 -43.29 -37.27
CA PHE A 23 -21.85 -41.80 -33.81
CA LYS A 24 -25.18 -40.16 -34.78
CA ALA A 25 -27.04 -42.23 -32.19
CA GLY A 26 -24.82 -40.55 -29.62
CA LEU A 27 -26.22 -37.25 -30.84
CA ILE A 28 -29.89 -38.27 -30.75
CA VAL A 29 -29.48 -40.04 -27.44
CA ALA A 30 -28.10 -36.70 -26.37
CA GLY A 31 -31.52 -35.34 -27.26
CA ILE A 32 -32.87 -37.78 -24.65
CA ALA A 33 -30.41 -36.93 -21.85
CA LEU A 34 -31.78 -33.49 -22.66
CA ILE A 35 -35.46 -34.48 -22.43
CA LEU A 36 -34.99 -36.36 -19.17
CA ASN A 37 -33.47 -33.14 -17.79
CA ALA A 38 -36.48 -30.98 -18.87
CA ALA A 39 -38.53 -33.35 -16.71
CA SER A 40 -36.11 -33.20 -13.70
CA ASP A 41 -36.62 -29.38 -13.81
CA THR A 42 -40.46 -29.26 -13.83
CA PHE A 43 -40.67 -31.87 -10.98
CA MET A 44 -38.25 -29.89 -8.75
CA LEU A 45 -40.41 -26.77 -9.44
CA SER A 46 -43.84 -28.31 -8.64
CA LEU A 47 -42.38 -29.23 -5.24
CA LEU A 48 -40.87 -25.73 -4.69
CA LYS A 49 -44.16 -23.73 -4.61
CA PRO A 50 -46.14 -26.23 -2.42
CA LEU A 51 -43.05 -27.12 -0.20
CA LEU A 52 -41.95 -23.52 0.79
CA ASP A 53 -45.15 -21.56 1.56
CA ASP A 54 -47.50 -24.54 2.15
CA GLY A 55 -44.66 -26.76 3.41
CA PHE A 56 -43.86 -24.67 6.48
CA GLY A 57 -46.63 -26.41 8.41
CA LYS A 58 -49.09 -27.91 5.89
CA THR A 59 -46.80 -30.54 4.30
CA ASP A 60 -49.07 -33.63 4.49
CA ARG A 61 -50.20 -33.96 0.86
CA SER A 62 -46.64 -32.68 0.15
CA VAL A 63 -44.82 -35.14 2.45
CA LEU A 64 -45.82 -38.85 2.22
CA LEU A 65 -47.11 -38.51 -1.40
CA TRP A 66 -44.80 -35.66 -2.67
CA MET A 67 -41.92 -35.98 -0.12
CA PRO A 68 -40.59 -39.46 -0.80
CA LEU A 69 -41.67 -38.79 -4.41
CA VAL A 70 -39.22 -35.77 -4.58
CA VAL A 71 -36.61 -38.39 -3.77
CA ILE A 72 -37.85 -40.67 -6.63
CA GLY A 73 -38.29 -37.89 -9.23
CA LEU A 74 -34.80 -36.43 -8.86
CA MET A 75 -33.35 -39.99 -8.70
CA ILE A 76 -34.73 -41.73 -11.83
CA LEU A 77 -34.18 -38.42 -13.67
CA ARG A 78 -30.82 -37.22 -12.17
CA GLY A 79 -29.32 -40.71 -12.35
CA ILE A 80 -30.47 -41.62 -15.88
CA THR A 81 -29.93 -38.05 -17.20
CA SER A 82 -26.41 -37.81 -15.70
CA TYR A 83 -25.50 -41.10 -17.39
CA ILE A 84 -27.13 -40.51 -20.78
CA SER A 85 -25.13 -37.27 -20.97
CA SER A 86 -21.71 -38.37 -19.71
CA TYR A 87 -21.79 -41.14 -22.31
CA CYS A 88 -23.12 -38.83 -25.10
CA ILE A 89 -19.78 -37.03 -25.43
CA SER A 90 -17.87 -40.19 -24.34
CA TRP A 91 -18.46 -43.09 -26.78
CA VAL A 92 -19.29 -40.26 -29.24
CA SER A 93 -16.30 -37.96 -28.93
CA GLY A 94 -13.96 -40.53 -27.37
CA LYS A 95 -14.19 -42.98 -30.23
CA VAL A 96 -14.85 -40.73 -33.26
CA VAL A 97 -11.57 -39.01 -32.58
CA MET A 98 -9.09 -41.76 -31.86
CA THR A 99 -10.37 -43.72 -34.84
CA MET A 100 -9.60 -40.77 -37.01
CA ARG A 101 -6.15 -40.89 -35.41
CA ARG A 102 -5.73 -44.30 -36.94
CA ARG A 103 -6.92 -42.69 -40.17
CA LEU A 104 -4.12 -40.16 -39.96
CA PHE A 105 -1.97 -43.11 -39.01
CA GLY A 106 -3.10 -45.01 -42.07
CA HIS A 107 -2.20 -42.29 -44.53
CA MET A 108 0.76 -41.94 -42.17
CA MET A 109 2.37 -44.99 -43.64
CA GLY A 110 0.79 -44.23 -47.00
CA MET A 111 2.86 -41.07 -47.42
CA PRO A 112 6.50 -42.02 -46.50
CA VAL A 113 10.23 -41.22 -46.69
CA ALA A 114 10.03 -38.28 -49.09
CA PHE A 115 8.32 -36.63 -46.19
CA PHE A 116 10.15 -38.59 -43.51
CA ASP A 117 13.17 -36.73 -44.81
CA LYS A 118 11.72 -33.20 -45.05
CA GLN A 119 11.64 -32.80 -41.27
CA SER A 120 11.45 -34.26 -37.77
CA THR A 121 9.13 -36.92 -36.59
CA GLY A 122 7.98 -35.32 -33.39
CA THR A 123 6.22 -32.59 -35.35
CA LEU A 124 3.61 -34.89 -36.84
CA LEU A 125 3.79 -37.68 -34.33
CA SER A 126 3.03 -35.52 -31.33
CA ARG A 127 0.76 -33.58 -33.63
CA ILE A 128 -1.27 -36.74 -33.85
CA THR A 129 -1.23 -37.03 -30.07
CA TYR A 130 -1.94 -33.44 -28.86
CA ASP A 131 -3.92 -32.42 -31.94
CA SER A 132 -6.31 -35.31 -31.40
CA GLU A 133 -7.35 -34.31 -27.88
CA GLN A 134 -8.15 -30.91 -29.40
CA VAL A 135 -10.53 -32.20 -32.12
CA ALA A 136 -12.42 -33.97 -29.31
CA SER A 137 -13.32 -30.71 -27.58
CA SER A 138 -14.90 -30.19 -31.02
CA SER A 139 -16.94 -33.40 -31.44
CA SER A 140 -18.12 -33.28 -27.83
CA GLY A 141 -18.40 -29.51 -27.72
CA ALA A 142 -20.37 -29.58 -30.99
CA LEU A 143 -22.99 -31.57 -29.09
CA ILE A 144 -23.29 -29.88 -25.63
CA THR A 145 -23.30 -26.30 -27.00
CA VAL A 146 -25.42 -26.50 -30.20
CA VAL A 147 -28.12 -27.96 -27.93
CA ARG A 148 -28.18 -25.99 -24.63
CA GLU A 149 -27.52 -22.63 -26.29
CA GLY A 150 -29.22 -23.54 -29.59
CA ALA A 151 -32.61 -23.65 -27.85
CA SER A 152 -31.85 -21.32 -24.91
CA ILE A 153 -31.02 -18.29 -27.07
CA ILE A 154 -33.08 -19.23 -30.16
CA GLY A 155 -35.96 -20.37 -27.99
CA LEU A 156 -35.80 -17.13 -25.97
CA PHE A 157 -34.82 -14.80 -28.89
CA ILE A 158 -37.64 -15.91 -31.26
CA MET A 159 -40.34 -15.84 -28.56
CA MET A 160 -38.96 -12.65 -26.89
CA PHE A 161 -38.56 -10.85 -30.29
CA TYR A 162 -42.37 -11.22 -30.85
CA TYR A 163 -43.41 -9.98 -27.32
CA SER A 164 -42.83 -6.38 -26.22
CA TRP A 165 -42.34 -6.28 -30.00
CA GLN A 166 -40.84 -2.79 -30.12
CA LEU A 167 -38.26 -2.96 -27.29
CA SER A 168 -36.49 -5.36 -29.69
CA ILE A 169 -34.91 -2.93 -32.22
CA ILE A 170 -31.84 -2.69 -29.96
CA LEU A 171 -32.04 -6.47 -30.39
CA VAL A 172 -31.86 -6.60 -34.25
CA VAL A 173 -28.93 -4.13 -34.07
CA LEU A 174 -27.41 -5.43 -30.82
CA ALA A 175 -27.79 -9.05 -32.07
CA PRO A 176 -25.93 -8.66 -35.37
CA ILE A 177 -23.29 -6.32 -33.73
CA VAL A 178 -22.31 -8.52 -30.75
CA SER A 179 -22.82 -11.57 -32.99
CA ILE A 180 -20.22 -10.40 -35.51
CA ALA A 181 -17.86 -9.07 -32.81
CA ILE A 182 -17.64 -12.52 -31.12
CA ARG A 183 -17.38 -14.68 -34.26
CA VAL A 184 -14.20 -12.80 -35.17
CA VAL A 185 -12.47 -12.94 -31.73
CA SER A 186 -13.03 -16.73 -31.72
CA LYS A 187 -11.23 -16.88 -35.11
CA ARG A 188 -8.10 -15.24 -33.67
CA PHE A 189 -7.72 -18.14 -31.21
CA ARG A 190 -8.74 -20.54 -34.00
CA SER A 191 -5.48 -19.65 -35.73
CA ILE A 192 -3.71 -19.42 -32.36
CA SER A 193 -4.65 -22.97 -31.48
CA LYS A 194 -3.49 -24.10 -34.96
CA ASN A 195 0.16 -23.08 -34.74
CA MET A 196 -0.27 -23.96 -31.06
CA GLN A 197 -0.12 -27.67 -31.87
CA ASN A 198 2.87 -26.85 -34.04
CA THR A 199 4.78 -25.70 -30.97
CA MET A 200 3.47 -28.70 -29.03
CA GLY A 201 5.08 -31.00 -31.55
CA GLN A 202 8.23 -28.94 -31.97
CA VAL A 203 9.07 -29.02 -28.30
CA THR A 204 8.24 -32.66 -28.12
CA THR A 205 10.70 -33.29 -30.96
CA SER A 206 13.31 -31.41 -28.93
CA ALA A 207 12.84 -34.25 -26.52
CA GLU A 208 13.13 -36.85 -29.27
CA GLN A 209 16.55 -35.97 -30.51
CA MET A 210 17.68 -35.10 -27.01
CA LEU A 211 16.53 -38.50 -25.87
CA LYS A 212 18.64 -40.32 -28.42
CA GLY A 213 21.56 -38.00 -27.66
CA HIS A 214 22.33 -38.98 -24.07
CA LYS A 215 25.82 -40.46 -24.19
CA GLU A 216 26.34 -38.40 -27.33
CA VAL A 217 25.47 -35.34 -25.29
CA LEU A 218 28.10 -36.17 -22.63
CA ILE A 219 30.96 -36.08 -25.06
CA PHE A 220 28.93 -33.02 -26.07
CA GLY A 221 29.19 -31.20 -22.75
CA GLY A 222 26.09 -29.19 -23.51
CA GLN A 223 23.33 -30.74 -21.45
CA GLU A 224 22.77 -27.13 -20.48
CA VAL A 225 22.71 -25.76 -24.03
CA GLU A 226 19.95 -28.30 -24.40
CA THR A 227 18.54 -27.40 -21.01
CA LYS A 228 18.63 -23.94 -22.56
CA ARG A 229 17.01 -24.25 -25.97
CA PHE A 230 14.52 -26.48 -24.16
CA ASP A 231 13.38 -24.17 -21.35
CA LYS A 232 12.87 -21.76 -24.19
CA VAL A 233 10.33 -23.70 -26.15
CA SER A 234 8.94 -24.68 -22.73
CA ASN A 235 7.47 -21.25 -22.21
CA LYS A 236 6.70 -20.94 -25.92
CA MET A 237 4.14 -23.63 -25.08
CA ARG A 238 2.40 -22.69 -21.81
CA LEU A 239 2.47 -19.05 -22.89
CA GLN A 240 1.31 -19.96 -26.38
CA GLY A 241 -1.96 -21.26 -24.97
CA MET A 242 -1.98 -18.26 -22.62
CA LYS A 243 -2.54 -15.51 -25.21
CA MET A 244 -5.19 -17.96 -26.47
CA VAL A 245 -7.04 -18.45 -23.13
CA SER A 246 -6.92 -14.68 -22.40
CA ALA A 247 -8.75 -13.98 -25.62
CA SER A 248 -11.35 -16.50 -24.36
CA SER A 249 -11.54 -14.49 -21.10
CA ILE A 250 -11.87 -11.03 -22.54
CA SER A 251 -14.01 -12.84 -25.18
CA ASP A 252 -16.71 -13.49 -22.57
CA PRO A 253 -16.87 -9.88 -21.34
CA ILE A 254 -16.85 -8.76 -25.04
CA ILE A 255 -20.31 -10.12 -25.77
CA GLN A 256 -21.36 -10.02 -22.09
CA LEU A 257 -20.86 -6.23 -21.94
CA ILE A 258 -22.81 -5.57 -25.17
CA ALA A 259 -25.59 -7.71 -23.61
CA SER A 260 -25.51 -5.46 -20.51
CA LEU A 261 -26.25 -2.79 -23.17
CA ALA A 262 -29.73 -3.93 -24.41
CA LEU A 263 -30.57 -4.15 -20.64
CA ALA A 264 -29.60 -0.45 -20.30
CA PHE A 265 -32.11 0.09 -23.10
CA VAL A 266 -35.14 -1.53 -21.46
CA LEU A 267 -34.18 -0.20 -18.03
CA TYR A 268 -33.50 3.33 -19.34
CA ALA A 269 -35.84 3.36 -22.33
CA ALA A 270 -37.89 2.22 -19.30
CA SER A 271 -37.16 5.59 -17.67
CA PHE A 272 -39.16 7.65 -20.17
CA PRO A 273 -40.90 5.17 -22.54
CA SER A 274 -42.14 2.91 -19.59
CA VAL A 275 -43.42 5.80 -17.50
CA MET A 276 -45.88 5.76 -20.42
CA ASP A 277 -48.18 3.42 -22.44
CA SER A 278 -48.18 -0.38 -23.05
CA LEU A 279 -45.13 -0.86 -20.78
CA THR A 280 -46.32 -1.42 -17.21
CA ALA A 281 -46.02 -4.01 -14.38
CA GLY A 282 -46.64 -6.40 -17.24
CA THR A 283 -44.58 -5.88 -20.41
CA ILE A 284 -41.60 -4.00 -18.76
CA THR A 285 -41.02 -6.85 -16.28
CA VAL A 286 -41.40 -9.42 -19.20
CA VAL A 287 -38.72 -8.19 -21.65
CA PHE A 288 -36.33 -6.74 -18.98
CA SER A 289 -36.32 -10.19 -17.33
CA SER A 290 -36.09 -12.08 -20.67
CA MET A 291 -33.21 -9.70 -21.52
CA ILE A 292 -31.45 -11.03 -18.41
CA ALA A 293 -32.27 -14.63 -19.44
CA LEU A 294 -30.59 -14.23 -22.85
CA MET A 295 -27.47 -12.73 -21.15
CA ARG A 296 -26.77 -16.09 -19.45
CA PRO A 297 -26.92 -18.40 -22.50
CA LEU A 298 -24.32 -16.25 -24.29
CA LYS A 299 -21.87 -16.53 -21.35
CA SER A 300 -21.72 -20.26 -21.89
CA LEU A 301 -22.02 -19.98 -25.66
CA THR A 302 -18.98 -17.80 -26.15
CA ASN A 303 -16.76 -19.22 -23.41
CA VAL A 304 -17.50 -22.85 -24.27
CA ASN A 305 -17.81 -22.12 -28.00
CA ALA A 306 -14.29 -20.74 -27.61
CA GLN A 307 -12.72 -24.02 -26.50
CA PHE A 308 -14.74 -25.69 -29.23
CA GLN A 309 -13.39 -23.28 -31.82
CA ARG A 310 -9.96 -24.51 -30.74
CA GLY A 311 -10.92 -28.10 -31.31
CA MET A 312 -12.45 -27.58 -34.75
CA ALA A 313 -9.89 -24.96 -35.84
CA ALA A 314 -7.01 -27.15 -34.67
CA CYS A 315 -8.92 -29.72 -36.63
CA GLN A 316 -9.03 -27.54 -39.73
CA THR A 317 -5.27 -27.98 -39.85
CA LEU A 318 -4.93 -31.61 -38.74
CA PHE A 319 -7.26 -32.63 -41.58
CA ALA A 320 -5.51 -30.51 -44.15
CA ILE A 321 -2.32 -32.49 -43.49
CA LEU A 322 -3.47 -36.05 -44.04
CA ASP A 323 -5.28 -35.23 -47.29
CA SER A 324 -2.41 -35.44 -49.79
CA GLU A 325 -1.03 -38.29 -51.87
CA GLN A 326 0.73 -41.37 -50.56
CA GLU A 327 4.37 -41.60 -51.78
CA LYS A 328 3.36 -43.93 -54.56
CA ASP A 329 1.31 -44.26 -57.75
CA GLU A 330 0.51 -47.93 -57.50
CA GLY A 331 1.48 -50.10 -60.44
CA LYS A 332 -1.03 -52.14 -62.46
CA ARG A 333 0.91 -55.18 -63.70
CA VAL A 334 0.80 -56.82 -60.28
CA ILE A 335 1.44 -60.57 -60.74
CA ASP A 336 3.98 -62.15 -58.32
CA ARG A 337 7.29 -63.39 -59.93
CA ALA A 338 10.07 -65.41 -58.22
CA THR A 339 12.46 -64.40 -61.03
CA GLY A 340 15.11 -61.70 -60.70
CA ASP A 341 16.29 -59.24 -63.32
CA LEU A 342 17.55 -55.70 -63.89
CA GLU A 343 16.94 -53.38 -66.79
CA PHE A 344 18.39 -50.17 -65.57
CA ARG A 345 19.65 -47.97 -68.32
CA ASN A 346 20.28 -44.47 -69.46
CA VAL A 347 18.66 -43.75 -66.15
CA THR A 348 19.27 -40.55 -64.17
CA PHE A 349 17.35 -39.05 -61.24
CA THR A 350 18.06 -35.98 -59.10
CA TYR A 351 16.34 -35.42 -55.73
CA PRO A 352 14.51 -32.96 -53.48
CA GLY A 353 17.66 -30.88 -53.23
CA ARG A 354 17.75 -29.88 -56.93
CA GLU A 355 21.40 -29.98 -57.91
CA VAL A 356 23.38 -32.43 -60.04
CA PRO A 357 20.86 -35.23 -60.65
CA ALA A 358 22.08 -37.81 -58.09
CA LEU A 359 22.72 -40.57 -60.66
CA ARG A 360 23.39 -40.02 -64.37
CA ASN A 361 22.29 -41.85 -67.53
CA ILE A 362 23.66 -45.29 -66.98
CA ASN A 363 23.18 -48.31 -69.13
CA LEU A 364 22.75 -51.57 -67.23
CA LYS A 365 21.20 -55.03 -67.12
CA ILE A 366 21.58 -57.88 -64.59
CA PRO A 367 19.62 -61.20 -64.76
CA ALA A 368 18.42 -63.83 -62.28
CA GLY A 369 20.80 -66.12 -60.45
CA LYS A 370 23.32 -63.35 -60.94
CA THR A 371 25.66 -61.86 -58.36
CA VAL A 372 26.55 -58.22 -58.93
CA ALA A 373 28.58 -55.74 -56.94
CA LEU A 374 28.85 -52.01 -56.88
CA VAL A 375 32.16 -50.42 -56.20
CA GLY A 376 33.27 -46.87 -55.70
CA ARG A 377 32.79 -44.60 -52.71
CA SER A 378 30.17 -44.94 -49.93
CA GLY A 379 30.20 -41.33 -50.90
CA SER A 380 28.47 -41.91 -54.24
CA GLY A 381 24.92 -43.24 -53.84
CA LYS A 382 25.19 -46.86 -54.87
CA SER A 383 22.63 -47.49 -52.15
CA THR A 384 20.50 -44.92 -53.93
CA ILE A 385 19.94 -47.05 -56.97
CA ALA A 386 19.32 -50.21 -54.96
CA SER A 387 16.37 -48.47 -53.42
CA LEU A 388 15.36 -46.25 -56.33
CA ILE A 389 15.26 -49.60 -58.06
CA THR A 390 12.72 -50.79 -55.54
CA ARG A 391 10.19 -48.09 -56.40
CA PHE A 392 10.58 -45.91 -53.36
CA TYR A 393 11.24 -43.08 -55.71
CA ASP A 394 10.56 -42.48 -59.31
CA ILE A 395 12.75 -41.95 -62.31
CA ASP A 396 13.43 -38.33 -63.19
CA GLU A 397 14.45 -39.83 -66.54
CA GLY A 398 15.30 -43.18 -68.14
CA HIS A 399 13.97 -46.40 -66.71
CA ILE A 400 14.44 -49.46 -64.58
CA LEU A 401 12.63 -52.71 -63.98
CA MET A 402 13.05 -56.44 -64.20
CA ASP A 403 11.66 -59.51 -65.97
CA GLY A 404 10.44 -57.11 -68.65
CA HIS A 405 7.91 -54.75 -67.12
CA ASP A 406 9.06 -51.55 -65.38
CA LEU A 407 8.29 -50.65 -61.77
CA ARG A 408 5.65 -48.19 -62.90
CA GLU A 409 3.81 -51.37 -63.91
CA TYR A 410 4.70 -53.58 -60.98
CA THR A 411 2.33 -52.55 -58.23
CA LEU A 412 4.27 -51.04 -55.41
CA ALA A 413 3.28 -53.72 -52.90
CA SER A 414 4.26 -56.69 -54.99
CA LEU A 415 7.51 -55.48 -56.54
CA ARG A 416 8.46 -54.82 -52.94
CA ASN A 417 7.73 -58.20 -51.41
CA GLN A 418 9.47 -59.96 -54.25
CA VAL A 419 12.78 -58.63 -53.06
CA ALA A 420 14.85 -58.65 -49.86
CA LEU A 421 17.26 -55.97 -48.60
CA VAL A 422 19.39 -54.86 -45.70
CA SER A 423 20.84 -51.35 -45.86
CA GLN A 424 24.12 -50.02 -44.49
CA ASN A 425 23.03 -50.03 -40.88
CA VAL A 426 19.33 -50.78 -40.48
CA HIS A 427 17.30 -50.28 -37.28
CA LEU A 428 15.53 -52.74 -35.01
CA PHE A 429 12.46 -52.87 -32.85
CA ASN A 430 12.32 -54.02 -29.23
CA ASP A 431 11.40 -57.74 -28.93
CA THR A 432 12.96 -61.19 -29.47
CA VAL A 433 15.57 -62.20 -31.99
CA ALA A 434 13.25 -64.62 -33.67
CA ASN A 435 10.43 -62.21 -34.06
CA ASN A 436 12.84 -59.73 -35.62
CA ILE A 437 14.07 -62.03 -38.29
CA ALA A 438 10.52 -63.27 -37.95
CA TYR A 439 9.38 -59.76 -38.69
CA ALA A 440 10.93 -60.15 -42.12
CA ARG A 441 7.25 -60.86 -43.06
CA THR A 442 4.17 -62.79 -41.76
CA GLU A 443 5.46 -62.09 -38.20
CA GLU A 444 4.00 -65.55 -37.51
CA TYR A 445 5.77 -67.84 -40.01
CA SER A 446 7.93 -70.60 -38.38
CA ARG A 447 9.99 -71.46 -35.29
CA GLU A 448 12.31 -73.42 -37.55
CA GLN A 449 12.82 -71.32 -40.69
CA ILE A 450 14.13 -68.74 -38.31
CA GLU A 451 16.63 -71.17 -36.76
CA GLU A 452 18.00 -71.68 -40.25
CA ALA A 453 18.19 -68.10 -41.45
CA ALA A 454 19.62 -67.61 -37.96
CA ARG A 455 22.67 -69.86 -38.00
CA MET A 456 22.51 -69.19 -41.73
CA ALA A 457 23.42 -65.69 -40.81
CA TYR A 458 25.50 -67.54 -38.24
CA ALA A 459 23.54 -66.53 -35.20
CA MET A 460 22.32 -69.51 -33.25
CA ASP A 461 25.69 -69.27 -31.50
CA PHE A 462 25.50 -66.24 -29.13
CA ILE A 463 21.80 -66.64 -29.67
CA ASN A 464 22.12 -69.72 -27.50
CA LYS A 465 25.05 -68.23 -25.53
CA MET A 466 22.85 -65.59 -23.87
CA ASP A 467 19.67 -66.89 -22.13
CA ASN A 468 16.60 -67.70 -24.24
CA GLY A 469 18.17 -65.78 -27.09
CA LEU A 470 15.74 -65.87 -30.00
CA ASP A 471 13.08 -65.75 -27.30
CA THR A 472 14.60 -62.86 -25.40
CA ILE A 473 14.62 -59.08 -25.29
CA ILE A 474 16.58 -57.23 -27.96
CA GLY A 475 18.62 -54.11 -28.29
CA GLU A 476 16.00 -51.39 -28.59
CA ASN A 477 17.29 -50.79 -32.09
CA GLY A 478 20.63 -51.63 -30.55
CA VAL A 479 21.54 -52.43 -26.96
CA LEU A 480 22.86 -55.78 -25.75
CA LEU A 481 24.21 -56.34 -29.24
CA SER A 482 26.89 -55.24 -31.72
CA GLY A 483 26.91 -54.37 -35.36
CA GLY A 484 27.70 -58.00 -35.89
CA GLN A 485 24.87 -59.89 -34.21
CA ARG A 486 22.47 -57.24 -35.37
CA GLN A 487 23.34 -57.18 -39.03
CA ARG A 488 23.57 -60.93 -39.42
CA ILE A 489 20.01 -61.14 -38.31
CA ALA A 490 18.71 -58.21 -40.37
CA ILE A 491 20.01 -60.27 -43.15
CA ALA A 492 19.05 -63.62 -41.78
CA ARG A 493 15.67 -61.96 -41.45
CA ALA A 494 15.72 -60.58 -44.97
CA LEU A 495 17.14 -63.93 -45.95
CA LEU A 496 14.56 -66.03 -44.16
CA ARG A 497 12.06 -64.29 -46.37
CA ASP A 498 14.24 -65.63 -49.16
CA SER A 499 13.52 -63.35 -52.04
CA PRO A 500 14.59 -64.11 -55.64
CA ILE A 501 16.32 -60.73 -55.61
CA LEU A 502 18.59 -60.22 -52.61
CA ILE A 503 19.99 -56.71 -52.23
CA LEU A 504 22.69 -56.13 -49.68
CA ASP A 505 24.24 -52.73 -49.03
CA GLU A 506 27.62 -52.40 -47.32
CA ALA A 507 26.13 -55.51 -45.85
CA THR A 508 29.61 -56.17 -44.49
CA SER A 509 30.66 -53.22 -42.28
CA ALA A 510 31.62 -53.58 -38.59
CA LEU A 511 31.79 -57.40 -38.69
CA ASP A 512 34.53 -60.00 -38.35
CA THR A 513 36.38 -61.19 -41.47
CA GLU A 514 36.35 -64.72 -40.13
CA SER A 515 32.56 -64.70 -39.80
CA GLU A 516 32.39 -62.80 -43.08
CA ARG A 517 33.73 -65.48 -45.43
CA ALA A 518 31.91 -68.21 -43.54
CA ILE A 519 28.60 -66.67 -44.41
CA GLN A 520 29.97 -65.58 -47.76
CA ALA A 521 30.24 -69.28 -48.51
CA ALA A 522 26.79 -69.90 -46.97
CA LEU A 523 25.84 -67.18 -49.42
CA ASP A 524 27.08 -68.75 -52.64
CA GLU A 525 25.05 -71.76 -51.47
CA LEU A 526 21.53 -70.34 -51.80
CA GLN A 527 22.37 -67.19 -53.80
CA LYS A 528 23.66 -69.08 -56.88
CA ASN A 529 20.06 -69.13 -58.14
CA ARG A 530 18.67 -65.86 -56.73
CA THR A 531 19.66 -62.54 -58.26
CA SER A 532 21.92 -60.68 -55.85
CA LEU A 533 23.50 -57.30 -55.43
CA VAL A 534 25.83 -55.99 -52.75
CA ILE A 535 28.47 -53.33 -52.44
CA ALA A 536 31.27 -52.86 -49.91
CA HIS A 537 35.02 -52.48 -49.91
CA ARG A 538 36.46 -55.72 -48.67
CA LEU A 539 36.95 -57.17 -52.14
CA SER A 540 36.42 -60.52 -50.37
CA THR A 541 32.67 -60.20 -51.01
CA ILE A 542 33.25 -59.12 -54.60
CA GLU A 543 36.17 -60.84 -56.40
CA GLN A 544 34.53 -64.22 -57.12
CA ALA A 545 31.41 -62.24 -58.03
CA ASP A 546 29.69 -62.74 -61.39
CA GLU A 547 29.84 -59.09 -62.49
CA ILE A 548 31.28 -55.87 -61.08
CA VAL A 549 30.31 -52.23 -61.52
CA VAL A 550 32.61 -49.36 -60.79
CA VAL A 551 30.95 -46.17 -59.71
CA GLU A 552 31.76 -42.73 -58.38
CA ASP A 553 31.12 -38.96 -58.70
CA GLY A 554 27.43 -39.74 -59.10
CA ILE A 555 28.36 -41.36 -62.41
CA ILE A 556 29.01 -44.93 -63.64
CA VAL A 557 32.67 -45.45 -64.41
CA GLU A 558 32.74 -48.75 -66.14
CA ARG A 559 31.74 -52.34 -65.76
CA GLY A 560 33.65 -55.60 -66.12
CA THR A 561 34.49 -58.39 -63.70
CA HIS A 562 37.15 -59.15 -61.17
CA SER A 563 40.26 -60.28 -62.99
CA GLU A 564 38.89 -58.32 -65.99
CA LEU A 565 38.81 -55.10 -64.09
CA LEU A 566 42.13 -55.92 -62.39
CA ALA A 567 43.68 -56.98 -65.68
CA GLN A 568 42.17 -53.83 -67.15
CA HIS A 569 44.26 -51.77 -64.66
CA GLY A 570 41.21 -49.49 -64.59
CA VAL A 571 40.13 -47.37 -61.68
CA TYR A 572 39.28 -50.54 -59.82
CA ALA A 573 42.95 -51.41 -59.85
CA GLN A 574 44.34 -48.83 -57.41
CA LEU A 575 41.50 -49.08 -54.95
CA HIS A 576 42.34 -52.76 -55.03
CA LYS A 577 46.07 -52.43 -54.47
CA MET A 578 45.07 -49.84 -51.90
CA GLN A 579 43.34 -52.43 -49.63
CA PHE A 580 46.82 -53.97 -49.23
CA GLY A 581 49.26 -51.77 -47.28
CA TRP B 10 1.86 -35.23 2.43
CA GLN B 11 1.32 -36.01 -1.23
CA THR B 12 1.74 -34.23 -4.49
CA PHE B 13 0.54 -31.37 -2.37
CA ARG B 14 3.70 -31.16 -0.31
CA ARG B 15 5.43 -30.76 -3.69
CA LEU B 16 2.68 -28.69 -5.29
CA TRP B 17 3.47 -26.09 -2.62
CA PRO B 18 7.05 -25.84 -3.79
CA THR B 19 6.20 -24.92 -7.41
CA ILE B 20 2.80 -23.42 -6.64
CA ALA B 21 4.80 -21.36 -4.13
CA PRO B 22 6.48 -19.13 -6.65
CA PHE B 23 3.00 -18.61 -8.10
CA LYS B 24 1.47 -17.76 -4.68
CA ALA B 25 0.54 -14.27 -5.87
CA GLY B 26 -1.59 -16.02 -8.48
CA LEU B 27 -3.45 -17.66 -5.62
CA ILE B 28 -4.00 -14.49 -3.58
CA VAL B 29 -4.88 -12.47 -6.66
CA ALA B 30 -7.39 -15.26 -7.14
CA GLY B 31 -8.81 -14.14 -3.83
CA ILE B 32 -9.36 -10.74 -5.50
CA ALA B 33 -11.00 -12.02 -8.71
CA LEU B 34 -13.22 -13.65 -6.08
CA ILE B 35 -13.89 -10.44 -4.11
CA LEU B 36 -14.67 -8.40 -7.25
CA ASN B 37 -17.26 -11.09 -8.06
CA ALA B 38 -18.95 -10.85 -4.61
CA ALA B 39 -19.46 -7.18 -5.50
CA SER B 40 -20.81 -7.88 -9.06
CA ASP B 41 -23.45 -10.10 -7.34
CA THR B 42 -24.77 -7.60 -4.73
CA PHE B 43 -24.98 -4.79 -7.37
CA MET B 44 -27.00 -6.97 -9.78
CA LEU B 45 -29.33 -7.79 -6.84
CA SER B 46 -29.93 -4.21 -5.61
CA LEU B 47 -31.12 -3.44 -9.15
CA LEU B 48 -33.35 -6.57 -9.32
CA LYS B 49 -35.81 -5.64 -6.52
CA PRO B 50 -36.25 -1.94 -7.51
CA LEU B 51 -36.12 -2.69 -11.34
CA LEU B 52 -38.83 -5.47 -11.50
CA ASP B 53 -41.68 -4.34 -9.23
CA ASP B 54 -40.85 -0.60 -9.05
CA GLY B 55 -39.28 -0.62 -12.55
CA PHE B 56 -42.47 -1.51 -14.39
CA GLY B 57 -43.50 2.17 -14.44
CA LYS B 58 -41.62 3.97 -11.63
CA THR B 59 -38.05 3.61 -13.01
CA ASP B 60 -36.82 7.23 -12.67
CA ARG B 61 -34.54 6.98 -9.62
CA SER B 62 -33.77 3.51 -11.07
CA VAL B 63 -33.07 4.67 -14.65
CA LEU B 64 -30.75 7.70 -15.12
CA LEU B 65 -28.99 7.14 -11.74
CA TRP B 66 -29.32 3.28 -11.45
CA MET B 67 -29.87 2.42 -15.16
CA PRO B 68 -26.64 3.60 -16.78
CA LEU B 69 -25.04 2.66 -13.44
CA VAL B 70 -26.16 -1.05 -13.91
CA VAL B 71 -24.09 -0.80 -17.09
CA ILE B 72 -21.04 0.57 -15.13
CA GLY B 73 -21.32 -1.84 -12.17
CA LEU B 74 -21.41 -5.03 -14.24
CA MET B 75 -18.67 -3.62 -16.53
CA ILE B 76 -15.87 -2.60 -14.13
CA LEU B 77 -16.67 -5.76 -12.15
CA ARG B 78 -17.41 -8.30 -14.96
CA GLY B 79 -14.45 -7.06 -17.03
CA ILE B 80 -11.85 -6.88 -14.23
CA THR B 81 -13.21 -10.05 -12.50
CA SER B 82 -13.23 -12.06 -15.75
CA TYR B 83 -9.61 -11.07 -16.35
CA ILE B 84 -8.26 -11.50 -12.81
CA SER B 85 -9.67 -15.06 -12.90
CA SER B 86 -8.67 -16.21 -16.40
CA TYR B 87 -5.09 -15.20 -15.54
CA CYS B 88 -5.21 -16.78 -12.03
CA ILE B 89 -5.12 -20.32 -13.42
CA SER B 90 -3.11 -19.17 -16.49
CA TRP B 91 0.30 -17.65 -15.46
CA VAL B 92 -0.24 -19.80 -12.31
CA SER B 93 -1.03 -23.23 -13.73
CA GLY B 94 0.41 -22.60 -17.20
CA LYS B 95 3.89 -21.78 -15.98
CA VAL B 96 4.18 -23.83 -12.76
CA VAL B 97 3.63 -26.95 -14.80
CA MET B 98 5.80 -26.55 -17.87
CA THR B 99 8.68 -25.40 -15.73
CA MET B 100 8.40 -28.59 -13.77
CA ARG B 101 8.53 -30.30 -17.18
CA ARG B 102 11.98 -28.85 -17.60
CA ARG B 103 12.67 -30.20 -14.11
CA LEU B 104 11.75 -33.70 -15.25
CA PHE B 105 13.78 -32.86 -18.32
CA GLY B 106 16.73 -31.88 -16.19
CA HIS B 107 16.83 -35.12 -14.22
CA MET B 108 15.98 -36.55 -17.62
CA MET B 109 19.53 -36.11 -18.76
CA GLY B 110 20.76 -36.69 -15.22
CA MET B 111 19.59 -40.31 -15.23
CA PRO B 112 20.78 -41.82 -18.59
CA VAL B 113 21.56 -44.93 -20.67
CA ALA B 114 21.14 -47.54 -17.95
CA PHE B 115 17.54 -46.50 -18.17
CA PHE B 116 17.65 -45.53 -21.84
CA ASP B 117 18.25 -49.23 -22.34
CA LYS B 118 15.59 -50.67 -20.02
CA GLN B 119 12.74 -49.59 -22.35
CA SER B 120 11.32 -47.33 -25.05
CA THR B 121 11.58 -43.61 -25.21
CA GLY B 122 7.99 -42.82 -26.01
CA THR B 123 6.93 -44.09 -22.60
CA LEU B 124 8.61 -41.33 -20.67
CA LEU B 125 8.86 -38.76 -23.41
CA SER B 126 5.18 -38.66 -24.15
CA ARG B 127 4.68 -39.19 -20.45
CA ILE B 128 6.28 -35.78 -20.04
CA THR B 129 3.96 -34.36 -22.67
CA TYR B 130 0.52 -35.83 -21.80
CA ASP B 131 1.25 -36.22 -18.08
CA SER B 132 2.07 -32.51 -17.82
CA GLU B 133 -1.29 -31.30 -19.14
CA GLN B 134 -2.83 -33.50 -16.43
CA VAL B 135 -0.92 -31.98 -13.49
CA ALA B 136 -2.22 -28.59 -14.71
CA SER B 137 -5.85 -29.55 -14.14
CA SER B 138 -4.41 -29.98 -10.62
CA SER B 139 -2.62 -26.63 -10.08
CA SER B 140 -5.51 -24.70 -11.65
CA GLY B 141 -8.20 -26.98 -10.26
CA ALA B 142 -6.62 -26.70 -6.80
CA LEU B 143 -7.39 -22.98 -7.01
CA ILE B 144 -10.92 -22.73 -8.52
CA THR B 145 -12.39 -25.53 -6.39
CA VAL B 146 -10.82 -25.05 -2.91
CA VAL B 147 -12.23 -21.50 -3.11
CA ARG B 148 -15.77 -21.66 -4.60
CA GLU B 149 -16.70 -24.88 -2.80
CA GLY B 150 -14.44 -24.24 0.20
CA ALA B 151 -16.62 -21.28 1.28
CA SER B 152 -19.91 -22.35 -0.38
CA ILE B 153 -20.23 -25.64 1.53
CA ILE B 154 -18.20 -24.66 4.63
CA GLY B 155 -19.82 -21.24 4.72
CA LEU B 156 -23.30 -22.81 4.37
CA PHE B 157 -22.59 -25.99 6.46
CA ILE B 158 -21.17 -24.13 9.53
CA MET B 159 -23.88 -21.46 9.57
CA MET B 160 -26.70 -23.92 8.62
CA PHE B 161 -25.51 -26.53 11.22
CA TYR B 162 -26.12 -23.92 13.99
CA TYR B 163 -29.64 -22.85 12.76
CA SER B 164 -32.60 -25.22 12.87
CA TRP B 165 -29.99 -26.89 15.09
CA GLN B 166 -31.76 -30.26 15.37
CA LEU B 167 -32.70 -30.93 11.70
CA SER B 168 -28.92 -31.34 11.31
CA ILE B 169 -28.35 -34.87 12.76
CA ILE B 170 -29.03 -36.36 9.31
CA LEU B 171 -26.27 -33.85 8.45
CA VAL B 172 -23.55 -35.18 10.85
CA VAL B 173 -24.40 -38.71 9.62
CA LEU B 174 -25.21 -37.78 6.01
CA ALA B 175 -22.06 -35.57 5.85
CA PRO B 176 -19.52 -38.19 6.94
CA ILE B 177 -21.34 -40.97 4.88
CA VAL B 178 -21.53 -39.19 1.50
CA SER B 179 -18.14 -37.56 2.30
CA ILE B 180 -16.42 -40.94 2.64
CA ALA B 181 -18.35 -42.51 -0.25
CA ILE B 182 -17.10 -39.80 -2.70
CA ARG B 183 -13.45 -39.62 -1.53
CA VAL B 184 -13.07 -43.31 -2.39
CA VAL B 185 -14.72 -43.22 -5.89
CA SER B 186 -12.36 -40.32 -6.82
CA LYS B 187 -9.42 -42.58 -5.80
CA ARG B 188 -10.47 -45.30 -8.28
CA PHE B 189 -10.05 -42.81 -11.16
CA ARG B 190 -6.90 -41.49 -9.46
CA SER B 191 -5.30 -44.85 -10.16
CA ILE B 192 -7.13 -45.07 -13.51
CA SER B 193 -5.64 -41.80 -14.67
CA LYS B 194 -2.19 -43.00 -13.51
CA ASN B 195 -1.84 -46.06 -15.75
CA MET B 196 -3.83 -43.94 -18.20
CA GLN B 197 -0.74 -41.89 -19.03
CA ASN B 198 1.12 -45.15 -19.29
CA THR B 199 -1.09 -46.18 -22.21
CA MET B 200 -0.80 -42.66 -23.66
CA GLY B 201 2.95 -43.09 -23.83
CA GLN B 202 2.86 -46.71 -24.94
CA VAL B 203 0.73 -45.99 -27.97
CA THR B 204 2.79 -42.97 -28.79
CA THR B 205 5.91 -45.15 -28.75
CA SER B 206 4.13 -47.47 -31.18
CA ALA B 207 4.28 -44.48 -33.43
CA GLU B 208 7.95 -43.90 -32.69
CA GLN B 209 9.29 -47.18 -33.83
CA MET B 210 6.73 -47.34 -36.62
CA LEU B 211 7.89 -43.95 -37.77
CA LYS B 212 11.49 -45.02 -38.10
CA GLY B 213 10.36 -48.25 -39.77
CA HIS B 214 8.87 -46.91 -43.00
CA LYS B 215 11.09 -48.34 -45.74
CA GLU B 216 11.97 -51.11 -43.31
CA VAL B 217 8.26 -51.86 -43.04
CA LEU B 218 7.89 -52.20 -46.84
CA ILE B 219 10.37 -55.02 -47.09
CA PHE B 220 8.35 -55.98 -44.03
CA GLY B 221 4.99 -56.24 -45.79
CA GLY B 222 3.14 -55.73 -42.53
CA GLN B 223 1.89 -52.16 -42.59
CA GLU B 224 -1.33 -53.82 -41.65
CA VAL B 225 0.11 -55.89 -38.78
CA GLU B 226 1.16 -52.47 -37.55
CA THR B 227 -2.17 -50.98 -38.57
CA LYS B 228 -3.42 -53.85 -36.41
CA ARG B 229 -1.45 -53.70 -33.17
CA PHE B 230 -1.97 -49.94 -33.48
CA ASP B 231 -5.78 -49.74 -33.80
CA LYS B 232 -5.65 -51.93 -30.77
CA VAL B 233 -3.87 -49.60 -28.42
CA SER B 234 -5.94 -46.89 -30.10
CA ASN B 235 -9.07 -47.98 -28.31
CA LYS B 236 -7.04 -48.89 -25.23
CA MET B 237 -6.62 -45.13 -25.00
CA ARG B 238 -10.02 -43.49 -25.68
CA LEU B 239 -11.71 -46.28 -23.78
CA GLN B 240 -9.15 -46.08 -20.99
CA GLY B 241 -10.26 -42.53 -20.20
CA MET B 242 -13.83 -43.72 -20.72
CA LYS B 243 -14.13 -46.02 -17.70
CA MET B 244 -12.51 -43.05 -15.95
CA VAL B 245 -15.00 -40.36 -17.10
CA SER B 246 -17.99 -42.67 -16.39
CA ALA B 247 -16.89 -42.98 -12.78
CA SER B 248 -16.89 -39.14 -12.75
CA SER B 249 -20.46 -39.26 -14.11
CA ILE B 250 -21.93 -41.79 -11.75
CA SER B 251 -19.66 -40.04 -9.19
CA ASP B 252 -21.84 -36.90 -9.32
CA PRO B 253 -25.14 -38.76 -8.81
CA ILE B 254 -23.41 -40.74 -5.98
CA ILE B 255 -23.13 -37.79 -3.67
CA GLN B 256 -25.98 -35.90 -5.40
CA LEU B 257 -28.46 -38.67 -4.53
CA ILE B 258 -27.38 -38.90 -0.85
CA ALA B 259 -27.88 -35.09 -0.78
CA SER B 260 -31.43 -35.58 -2.13
CA LEU B 261 -31.69 -37.74 1.05
CA ALA B 262 -31.21 -35.06 3.79
CA LEU B 263 -33.86 -33.07 1.76
CA ALA B 264 -36.28 -36.05 2.16
CA PHE B 265 -35.57 -35.68 5.88
CA VAL B 266 -36.55 -31.99 6.26
CA LEU B 267 -39.44 -32.38 3.79
CA TYR B 268 -40.70 -35.62 5.40
CA ALA B 269 -39.50 -35.05 8.96
CA ALA B 270 -41.41 -31.89 7.93
CA SER B 271 -44.51 -34.06 7.51
CA PHE B 272 -44.87 -34.92 11.20
CA PRO B 273 -42.21 -32.90 13.09
CA SER B 274 -43.04 -29.58 11.18
CA VAL B 275 -46.79 -29.93 11.62
CA MET B 276 -45.61 -29.21 15.19
CA ASP B 277 -43.43 -26.81 17.27
CA SER B 278 -40.49 -24.51 16.37
CA LEU B 279 -40.69 -25.48 12.67
CA THR B 280 -43.08 -23.13 10.89
CA ALA B 281 -43.12 -20.69 7.93
CA GLY B 282 -39.80 -19.63 9.43
CA THR B 283 -37.38 -22.43 10.35
CA ILE B 284 -38.80 -25.12 7.92
CA THR B 285 -38.34 -22.79 4.93
CA VAL B 286 -34.79 -21.82 6.23
CA VAL B 287 -33.13 -25.28 6.49
CA PHE B 288 -35.10 -26.94 3.61
CA SER B 289 -33.88 -24.13 1.34
CA SER B 290 -30.30 -24.15 2.73
CA MET B 291 -30.42 -27.95 2.22
CA ILE B 292 -31.03 -27.20 -1.47
CA ALA B 293 -28.18 -24.61 -1.47
CA LEU B 294 -25.63 -27.17 -0.18
CA MET B 295 -26.77 -29.69 -2.88
CA ARG B 296 -25.42 -27.38 -5.62
CA PRO B 297 -21.89 -26.78 -4.27
CA LEU B 298 -21.29 -30.56 -4.09
CA LYS B 299 -22.28 -31.04 -7.75
CA SER B 300 -19.37 -28.86 -8.78
CA LEU B 301 -17.14 -30.12 -5.98
CA THR B 302 -17.28 -33.76 -6.92
CA ASN B 303 -17.45 -33.41 -10.70
CA VAL B 304 -14.66 -30.79 -10.87
CA ASN B 305 -12.78 -32.32 -7.94
CA ALA B 306 -12.83 -35.47 -10.08
CA GLN B 307 -10.86 -33.97 -12.97
CA PHE B 308 -8.57 -32.43 -10.39
CA GLN B 309 -8.04 -35.83 -8.75
CA ARG B 310 -6.81 -36.96 -12.17
CA GLY B 311 -4.33 -34.13 -12.37
CA MET B 312 -2.88 -34.60 -8.89
CA ALA B 313 -3.08 -38.42 -8.97
CA ALA B 314 -1.46 -38.54 -12.41
CA CYS B 315 0.95 -36.20 -10.71
CA GLN B 316 1.52 -38.61 -7.83
CA THR B 317 3.11 -40.91 -10.41
CA LEU B 318 4.93 -38.35 -12.62
CA PHE B 319 6.75 -37.07 -9.52
CA ALA B 320 7.62 -40.52 -8.23
CA ILE B 321 9.54 -41.15 -11.48
CA LEU B 322 11.91 -38.20 -11.56
CA ASP B 323 12.92 -38.63 -7.92
CA SER B 324 15.67 -41.26 -8.25
CA GLU B 325 19.42 -41.02 -8.75
CA GLN B 326 21.18 -39.73 -11.85
CA GLU B 327 23.32 -42.43 -13.53
CA LYS B 328 26.43 -41.15 -11.80
CA ASP B 329 28.11 -40.63 -8.43
CA GLU B 330 30.15 -37.61 -9.31
CA GLY B 331 33.89 -37.81 -8.75
CA LYS B 332 35.78 -35.47 -6.43
CA ARG B 333 39.28 -35.18 -7.93
CA VAL B 334 38.05 -32.86 -10.69
CA ILE B 335 41.10 -30.99 -12.09
CA ASP B 336 41.36 -30.85 -15.94
CA ARG B 337 44.33 -32.81 -17.49
CA ALA B 338 45.45 -32.76 -21.15
CA THR B 339 47.41 -35.99 -20.54
CA GLY B 340 46.24 -39.43 -21.59
CA ASP B 341 46.71 -42.73 -19.79
CA LEU B 342 45.13 -46.11 -19.06
CA GLU B 343 45.30 -48.18 -15.93
CA PHE B 344 42.80 -50.88 -16.61
CA ARG B 345 43.57 -54.08 -14.88
CA ASN B 346 42.20 -57.20 -13.34
CA VAL B 347 38.97 -55.46 -14.24
CA THR B 348 35.69 -57.32 -14.84
CA PHE B 349 32.11 -56.02 -15.01
CA THR B 350 28.86 -57.81 -15.84
CA TYR B 351 25.68 -55.90 -16.76
CA PRO B 352 21.94 -55.52 -16.20
CA GLY B 353 21.37 -58.94 -17.77
CA ARG B 354 23.21 -60.90 -15.03
CA GLU B 355 25.12 -63.62 -16.83
CA VAL B 356 28.83 -64.05 -17.55
CA PRO B 357 30.30 -60.71 -16.43
CA ALA B 358 30.71 -58.99 -19.82
CA LEU B 359 34.48 -58.46 -19.49
CA ARG B 360 36.81 -60.52 -17.28
CA ASN B 361 39.79 -59.65 -15.07
CA ILE B 362 42.17 -58.11 -17.52
CA ASN B 363 45.48 -56.52 -16.79
CA LEU B 364 46.27 -53.44 -18.88
CA LYS B 365 48.02 -50.09 -19.11
CA ILE B 366 48.35 -47.63 -22.01
CA PRO B 367 50.06 -44.16 -21.72
CA ALA B 368 49.80 -40.79 -23.47
CA GLY B 369 50.88 -40.27 -27.04
CA LYS B 370 50.16 -43.96 -27.45
CA THR B 371 48.20 -45.65 -30.23
CA VAL B 372 46.41 -48.84 -29.19
CA ALA B 373 44.07 -51.16 -31.03
CA LEU B 374 41.62 -53.79 -29.97
CA VAL B 375 41.16 -56.83 -32.08
CA GLY B 376 38.81 -59.74 -31.93
CA ARG B 377 35.14 -59.91 -32.82
CA SER B 378 32.67 -56.98 -33.04
CA GLY B 379 30.91 -59.70 -31.19
CA SER B 380 32.94 -59.28 -28.02
CA GLY B 381 32.44 -55.90 -26.38
CA LYS B 382 35.65 -54.03 -27.10
CA SER B 383 33.43 -50.99 -27.43
CA THR B 384 32.21 -51.83 -23.96
CA ILE B 385 35.48 -51.09 -22.30
CA ALA B 386 36.07 -47.91 -24.30
CA SER B 387 32.91 -46.56 -22.76
CA LEU B 388 33.03 -48.32 -19.40
CA ILE B 389 36.41 -46.62 -19.32
CA THR B 390 34.70 -43.26 -19.73
CA ARG B 391 32.64 -43.62 -16.54
CA PHE B 392 29.28 -44.30 -18.07
CA TYR B 393 29.16 -47.41 -15.98
CA ASP B 394 30.94 -48.56 -12.95
CA ILE B 395 33.30 -51.38 -12.24
CA ASP B 396 31.67 -54.53 -10.86
CA GLU B 397 35.23 -55.36 -9.82
CA GLY B 398 38.83 -54.24 -10.47
CA HIS B 399 39.61 -50.75 -11.64
CA ILE B 400 40.40 -48.35 -14.40
CA LEU B 401 41.59 -44.78 -14.70
CA MET B 402 44.39 -42.68 -16.10
CA ASP B 403 47.17 -40.33 -15.06
CA GLY B 404 46.96 -42.00 -11.65
CA HIS B 405 43.54 -41.33 -10.19
CA ASP B 406 40.60 -43.62 -11.00
CA LEU B 407 37.33 -42.48 -12.58
CA ARG B 408 35.58 -42.69 -9.22
CA GLU B 409 37.79 -39.72 -8.42
CA TYR B 410 37.61 -37.86 -11.72
CA THR B 411 34.32 -36.04 -11.64
CA LEU B 412 32.05 -37.39 -14.28
CA ALA B 413 31.85 -34.09 -16.20
CA SER B 414 35.56 -33.49 -16.46
CA LEU B 415 36.84 -37.02 -17.18
CA ARG B 416 34.30 -36.87 -19.98
CA ASN B 417 35.32 -33.64 -21.66
CA GLN B 418 38.96 -34.62 -21.53
CA VAL B 419 38.34 -37.32 -24.07
CA ALA B 420 36.87 -37.63 -27.59
CA LEU B 421 35.01 -40.58 -29.11
CA VAL B 422 33.02 -41.76 -32.08
CA SER B 423 31.24 -45.10 -31.74
CA GLN B 424 30.48 -47.74 -34.39
CA ASN B 425 27.73 -45.78 -36.06
CA VAL B 426 26.78 -42.65 -34.12
CA HIS B 427 23.66 -40.55 -34.72
CA LEU B 428 23.22 -36.98 -35.88
CA PHE B 429 20.85 -34.10 -35.33
CA ASN B 430 19.17 -32.03 -38.03
CA ASP B 431 21.17 -28.86 -38.88
CA THR B 432 24.36 -27.83 -40.74
CA VAL B 433 27.56 -29.76 -41.14
CA ALA B 434 29.56 -27.17 -39.31
CA ASN B 435 27.29 -27.00 -36.35
CA ASN B 436 27.44 -30.76 -36.07
CA ILE B 437 31.17 -30.99 -35.90
CA ALA B 438 30.62 -27.67 -34.19
CA TYR B 439 28.40 -29.46 -31.75
CA ALA B 440 31.45 -31.40 -30.64
CA ARG B 441 31.37 -28.77 -27.80
CA THR B 442 30.80 -24.97 -27.27
CA GLU B 443 28.38 -25.11 -30.26
CA GLU B 444 29.76 -21.61 -30.92
CA TYR B 445 33.54 -22.15 -31.22
CA SER B 446 35.00 -21.24 -34.69
CA ARG B 447 34.19 -21.01 -38.41
CA GLU B 448 37.75 -22.06 -39.12
CA GLN B 449 38.61 -24.83 -36.64
CA ILE B 450 35.71 -26.62 -38.23
CA GLU B 451 37.11 -26.16 -41.74
CA GLU B 452 40.22 -27.92 -40.49
CA ALA B 453 38.67 -30.83 -38.61
CA ALA B 454 36.48 -30.92 -41.72
CA ARG B 455 39.01 -31.51 -44.49
CA MET B 456 41.00 -33.10 -41.67
CA ALA B 457 38.32 -35.72 -41.70
CA TYR B 458 38.52 -35.05 -45.43
CA ALA B 459 35.17 -33.37 -45.79
CA MET B 460 35.49 -29.93 -47.29
CA ASP B 461 35.26 -31.76 -50.62
CA PHE B 462 31.57 -32.83 -51.02
CA ILE B 463 31.01 -30.25 -48.34
CA ASN B 464 31.73 -27.71 -51.05
CA LYS B 465 30.35 -30.00 -53.78
CA MET B 466 26.77 -29.70 -52.52
CA ASP B 467 25.46 -26.12 -52.02
CA ASN B 468 26.41 -24.23 -48.86
CA GLY B 469 27.54 -27.51 -47.36
CA LEU B 470 28.75 -26.79 -43.85
CA ASP B 471 26.01 -24.17 -43.83
CA THR B 472 23.30 -26.46 -45.12
CA ILE B 473 20.68 -28.92 -43.91
CA ILE B 474 21.85 -32.36 -42.80
CA GLY B 475 20.64 -35.90 -42.87
CA GLU B 476 18.17 -36.01 -39.99
CA ASN B 477 20.52 -38.46 -38.33
CA GLY B 478 21.13 -39.64 -41.87
CA VAL B 479 19.57 -38.53 -45.14
CA LEU B 480 21.43 -36.79 -47.97
CA LEU B 481 24.58 -38.51 -46.71
CA SER B 482 26.37 -41.88 -46.48
CA GLY B 483 28.22 -43.68 -43.78
CA GLY B 484 31.27 -41.99 -45.21
CA GLN B 485 30.51 -38.28 -45.08
CA ARG B 486 28.72 -38.80 -41.81
CA GLN B 487 31.41 -40.67 -39.93
CA ARG B 488 34.25 -38.47 -41.10
CA ILE B 489 32.51 -35.57 -39.55
CA ALA B 490 31.49 -37.33 -36.32
CA ILE B 491 35.15 -37.78 -36.03
CA ALA B 492 36.16 -34.46 -37.47
CA ARG B 493 33.74 -33.17 -34.85
CA ALA B 494 35.18 -35.31 -32.08
CA LEU B 495 38.55 -34.38 -33.51
CA LEU B 496 37.92 -30.67 -33.69
CA ARG B 497 37.43 -30.86 -29.96
CA ASP B 498 40.91 -32.40 -30.02
CA SER B 499 41.07 -34.36 -26.86
CA PRO B 500 44.32 -35.80 -25.43
CA ILE B 501 42.58 -39.19 -25.44
CA LEU B 502 40.97 -40.03 -28.78
CA ILE B 503 38.82 -43.15 -28.77
CA LEU B 504 37.60 -44.50 -32.07
CA ASP B 505 35.39 -47.57 -32.36
CA GLU B 506 35.10 -49.49 -35.63
CA ALA B 507 35.73 -45.93 -36.69
CA THR B 508 36.41 -47.38 -40.13
CA SER B 509 33.27 -49.29 -41.30
CA ALA B 510 31.36 -48.46 -44.51
CA LEU B 511 34.05 -46.10 -45.85
CA ASP B 512 36.44 -46.12 -48.77
CA THR B 513 39.92 -47.63 -48.34
CA GLU B 514 41.38 -44.82 -50.41
CA SER B 515 39.93 -42.19 -48.11
CA GLU B 516 40.80 -44.42 -45.16
CA ARG B 517 44.60 -44.37 -45.40
CA ALA B 518 44.58 -40.70 -46.38
CA ILE B 519 43.05 -39.76 -43.07
CA GLN B 520 45.01 -42.54 -41.39
CA ALA B 521 48.07 -40.53 -42.33
CA ALA B 522 46.36 -37.28 -41.28
CA LEU B 523 45.86 -39.27 -38.09
CA ASP B 524 49.45 -40.15 -37.31
CA GLU B 525 50.03 -36.41 -37.76
CA LEU B 526 48.18 -35.07 -34.71
CA GLN B 527 47.66 -38.40 -32.88
CA LYS B 528 51.40 -39.04 -32.35
CA ASN B 529 51.11 -37.01 -29.12
CA ARG B 530 47.55 -37.75 -28.02
CA THR B 531 46.64 -41.12 -26.52
CA SER B 532 44.51 -43.06 -29.02
CA LEU B 533 42.47 -46.21 -29.18
CA VAL B 534 40.57 -47.75 -32.06
CA ILE B 535 39.43 -51.17 -33.12
CA ALA B 536 38.33 -52.50 -36.50
CA HIS B 537 39.28 -55.29 -38.86
CA ARG B 538 41.10 -53.70 -41.74
CA LEU B 539 44.52 -54.26 -40.26
CA SER B 540 45.43 -51.09 -42.22
CA THR B 541 44.44 -49.00 -39.20
CA ILE B 542 46.28 -51.31 -36.82
CA GLU B 543 49.58 -52.74 -38.17
CA GLN B 544 51.81 -49.65 -37.74
CA ALA B 545 50.07 -49.17 -34.39
CA ASP B 546 52.10 -48.81 -31.18
CA GLU B 547 50.45 -51.67 -29.29
CA ILE B 548 47.80 -54.30 -30.12
CA VAL B 549 45.34 -56.19 -27.94
CA VAL B 550 43.67 -59.38 -28.97
CA VAL B 551 40.27 -59.99 -27.48
CA GLU B 552 37.33 -62.36 -27.74
CA ASP B 553 34.80 -64.51 -25.83
CA GLY B 554 34.42 -61.66 -23.37
CA ILE B 555 38.01 -62.32 -22.33
CA ILE B 556 41.43 -60.84 -23.17
CA VAL B 557 43.47 -63.22 -25.27
CA GLU B 558 46.87 -61.67 -25.30
CA ARG B 559 48.71 -58.50 -26.11
CA GLY B 560 51.74 -57.76 -28.24
CA THR B 561 52.28 -55.66 -31.35
CA HIS B 562 51.96 -56.11 -35.07
CA SER B 563 54.96 -58.08 -36.30
CA GLU B 564 55.19 -59.46 -32.74
CA LEU B 565 51.72 -60.90 -32.85
CA LEU B 566 52.20 -62.01 -36.46
CA ALA B 567 55.62 -63.44 -35.68
CA GLN B 568 53.99 -65.00 -32.62
CA HIS B 569 51.62 -66.93 -34.96
CA GLY B 570 49.07 -66.32 -32.20
CA VAL B 571 45.36 -66.04 -32.70
CA TYR B 572 45.99 -62.76 -34.43
CA ALA B 573 47.75 -64.68 -37.17
CA GLN B 574 44.85 -66.52 -38.85
CA LEU B 575 42.45 -63.58 -38.68
CA HIS B 576 45.25 -61.74 -40.44
CA LYS B 577 45.86 -64.28 -43.18
CA MET B 578 42.06 -64.45 -43.32
CA GLN B 579 41.73 -60.83 -44.55
CA PHE B 580 43.64 -62.02 -47.66
CA GLY B 581 41.65 -64.46 -49.84
CA TRP C 10 -30.63 54.24 23.45
CA GLN C 11 -27.60 52.00 23.00
CA THR C 12 -24.03 51.94 24.14
CA PHE C 13 -24.50 55.66 23.62
CA ARG C 14 -26.85 56.10 26.56
CA ARG C 15 -24.01 54.53 28.58
CA LEU C 16 -21.17 56.19 26.64
CA TRP C 17 -22.62 59.50 27.91
CA PRO C 18 -22.17 58.42 31.51
CA THR C 19 -18.40 57.73 31.20
CA ILE C 20 -17.79 60.10 28.30
CA ALA C 21 -19.54 62.62 30.60
CA PRO C 22 -16.70 63.04 33.02
CA PHE C 23 -14.51 63.56 29.93
CA LYS C 24 -16.90 66.18 28.45
CA ALA C 25 -14.21 68.85 28.60
CA GLY C 26 -12.20 66.59 26.28
CA LEU C 27 -15.07 66.89 23.83
CA ILE C 28 -15.44 70.67 24.02
CA VAL C 29 -11.70 71.18 23.95
CA ALA C 30 -11.95 69.11 20.83
CA GLY C 31 -14.15 71.89 19.53
CA ILE C 32 -11.16 74.17 20.04
CA ALA C 33 -8.54 71.95 18.37
CA LEU C 34 -11.10 72.22 15.60
CA ILE C 35 -11.38 76.03 15.69
CA LEU C 36 -7.61 76.50 15.74
CA ASN C 37 -7.51 74.37 12.61
CA ALA C 38 -10.14 76.51 10.78
CA ALA C 39 -7.72 79.38 11.36
CA SER C 40 -4.60 77.44 10.15
CA ASP C 41 -6.54 76.88 6.88
CA THR C 42 -7.56 80.50 6.11
CA PHE C 43 -3.99 81.77 6.88
CA MET C 44 -2.37 79.22 4.52
CA LEU C 45 -4.88 80.34 1.82
CA SER C 46 -4.33 84.13 2.15
CA LEU C 47 -0.65 83.43 1.49
CA LEU C 48 -1.37 81.11 -1.47
CA LYS C 49 -3.02 83.73 -3.80
CA PRO C 50 -0.50 86.56 -3.11
CA LEU C 51 2.56 84.14 -2.90
CA LEU C 52 2.05 82.24 -6.26
CA ASP C 53 1.05 84.86 -8.86
CA ASP C 54 2.31 88.01 -7.04
CA GLY C 55 5.10 86.04 -5.28
CA PHE C 56 6.98 85.11 -8.46
CA GLY C 57 8.76 88.49 -8.42
CA LYS C 58 6.66 90.92 -6.32
CA THR C 59 7.03 89.24 -2.89
CA ASP C 60 8.03 92.27 -0.75
CA ARG C 61 4.79 92.95 1.13
CA SER C 62 4.47 89.13 1.01
CA VAL C 63 8.01 88.37 2.29
CA LEU C 64 9.24 90.28 5.38
CA LEU C 65 5.66 90.95 6.66
CA TRP C 66 3.84 87.82 5.26
CA MET C 67 6.89 85.50 4.77
CA PRO C 68 8.20 85.09 8.31
CA LEU C 69 4.53 85.47 9.34
CA VAL C 70 3.62 82.28 7.29
CA VAL C 71 6.14 80.60 9.58
CA ILE C 72 4.40 82.04 12.72
CA GLY C 73 0.81 81.37 11.56
CA LEU C 74 1.33 77.69 10.75
CA MET C 75 3.43 77.28 13.96
CA ILE C 76 1.18 78.66 16.75
CA LEU C 77 -1.77 77.02 14.94
CA ARG C 78 -0.18 73.68 13.76
CA GLY C 79 1.61 73.19 17.09
CA ILE C 80 -1.31 74.07 19.40
CA THR C 81 -3.92 72.41 17.11
CA SER C 82 -1.86 69.17 16.77
CA TYR C 83 -1.61 68.99 20.56
CA ILE C 84 -5.20 69.95 21.46
CA SER C 85 -6.33 67.12 19.14
CA SER C 86 -3.91 64.31 20.06
CA TYR C 87 -4.93 64.82 23.69
CA CYS C 88 -8.68 65.09 22.88
CA ILE C 89 -8.95 61.39 22.09
CA SER C 90 -6.14 60.56 24.56
CA TRP C 91 -7.08 61.61 28.16
CA VAL C 92 -10.67 61.30 26.83
CA SER C 93 -10.69 57.86 25.23
CA GLY C 94 -7.63 56.51 27.04
CA LYS C 95 -9.04 57.04 30.52
CA VAL C 96 -12.82 56.67 29.99
CA VAL C 97 -12.19 53.17 28.76
CA MET C 98 -9.74 51.62 31.16
CA THR C 99 -11.71 53.00 34.08
CA MET C 100 -14.72 51.19 32.80
CA ARG C 101 -12.44 48.13 32.70
CA ARG C 102 -12.13 48.46 36.44
CA ARG C 103 -15.91 48.75 36.48
CA LEU C 104 -16.17 45.41 34.72
CA PHE C 105 -13.51 44.29 37.11
CA GLY C 106 -15.57 45.48 40.05
CA HIS C 107 -18.68 43.57 39.12
CA MET C 108 -16.10 40.97 38.16
CA MET C 109 -15.60 40.07 41.76
CA GLY C 110 -19.21 40.93 42.53
CA MET C 111 -20.48 38.03 40.41
CA PRO C 112 -18.38 34.95 41.38
CA VAL C 113 -17.98 31.14 41.44
CA ALA C 114 -21.42 30.22 40.11
CA PHE C 115 -20.08 31.77 36.96
CA PHE C 116 -16.45 30.91 37.60
CA ASP C 117 -17.67 27.37 37.20
CA LYS C 118 -19.82 27.76 34.08
CA GLN C 119 -16.75 28.22 31.83
CA SER C 120 -13.14 29.23 31.30
CA THR C 121 -11.50 32.33 32.58
CA GLY C 122 -9.75 33.40 29.42
CA THR C 123 -13.11 34.09 27.78
CA LEU C 124 -14.00 37.01 30.01
CA LEU C 125 -10.54 37.93 31.18
CA SER C 126 -9.12 38.45 27.72
CA ARG C 127 -12.52 39.78 26.81
CA ILE C 128 -11.77 42.57 29.27
CA THR C 129 -8.39 43.10 27.64
CA TYR C 130 -9.12 42.95 23.87
CA ASP C 131 -12.73 44.17 24.18
CA SER C 132 -11.56 47.31 25.95
CA GLU C 133 -9.24 48.46 23.17
CA GLN C 134 -12.27 48.13 20.90
CA VAL C 135 -14.60 50.37 22.92
CA ALA C 136 -11.86 53.01 22.69
CA SER C 137 -12.07 53.23 18.91
CA SER C 138 -15.63 54.15 19.90
CA SER C 139 -15.06 56.90 22.49
CA SER C 140 -12.30 58.45 20.37
CA GLY C 141 -13.96 57.70 17.05
CA ALA C 142 -17.23 59.19 18.39
CA LEU C 143 -15.34 62.49 18.70
CA ILE C 144 -13.20 62.75 15.49
CA THR C 145 -16.00 61.61 13.12
CA VAL C 146 -19.19 63.27 14.51
CA VAL C 147 -17.24 66.55 14.15
CA ARG C 148 -15.30 66.50 10.82
CA GLU C 149 -18.08 64.72 8.92
CA GLY C 150 -20.90 66.16 11.03
CA ALA C 151 -20.20 69.67 9.68
CA SER C 152 -18.53 68.68 6.36
CA ILE C 153 -21.55 66.78 5.01
CA ILE C 154 -24.29 68.62 6.98
CA GLY C 155 -22.62 71.96 6.35
CA LEU C 156 -22.31 71.19 2.62
CA PHE C 157 -25.62 69.25 2.25
CA ILE C 158 -27.84 71.93 3.90
CA MET C 159 -26.22 74.83 2.02
CA MET C 160 -25.89 72.86 -1.28
CA PHE C 161 -29.50 71.55 -1.05
CA TYR C 162 -30.75 75.20 -1.11
CA TYR C 163 -28.52 76.33 -4.11
CA SER C 164 -29.05 74.94 -7.62
CA TRP C 165 -32.23 73.95 -5.75
CA GLN C 166 -33.56 71.56 -8.40
CA LEU C 167 -30.41 69.50 -9.20
CA SER C 168 -30.96 68.17 -5.65
CA ILE C 169 -33.84 65.66 -6.19
CA ILE C 170 -31.26 62.95 -7.00
CA LEU C 171 -29.99 64.12 -3.59
CA VAL C 172 -33.20 63.51 -1.53
CA VAL C 173 -33.43 60.07 -3.21
CA LEU C 174 -29.65 59.38 -3.46
CA ALA C 175 -29.21 60.55 0.18
CA PRO C 176 -31.77 58.26 1.81
CA ILE C 177 -30.75 55.31 -0.55
CA VAL C 178 -26.96 55.35 0.02
CA SER C 179 -27.66 56.39 3.65
CA ILE C 180 -29.71 53.26 4.37
CA ALA C 181 -27.41 50.99 2.30
CA ILE C 182 -24.35 51.94 4.42
CA ARG C 183 -26.02 51.86 7.86
CA VAL C 184 -26.88 48.21 7.27
CA VAL C 185 -23.41 47.03 6.01
CA SER C 186 -21.84 48.60 9.11
CA LYS C 187 -24.24 46.50 11.25
CA ARG C 188 -22.97 43.26 9.69
CA PHE C 189 -19.45 44.00 10.98
CA ARG C 190 -21.03 45.25 14.24
CA SER C 191 -22.13 41.69 14.91
CA ILE C 192 -18.90 40.38 13.34
CA SER C 193 -16.79 42.34 15.77
CA LYS C 194 -18.97 41.09 18.66
CA ASN C 195 -18.34 37.36 18.33
CA MET C 196 -14.90 38.49 17.17
CA GLN C 197 -13.90 39.23 20.77
CA ASN C 198 -15.39 35.91 21.67
CA THR C 199 -12.80 34.18 19.49
CA MET C 200 -10.10 36.49 20.86
CA GLY C 201 -10.85 35.24 24.36
CA GLN C 202 -11.36 31.62 23.37
CA VAL C 203 -7.95 31.32 21.73
CA THR C 204 -6.36 33.11 24.61
CA THR C 205 -7.93 30.58 27.00
CA SER C 206 -6.40 27.85 24.83
CA ALA C 207 -3.16 29.38 25.96
CA GLU C 208 -4.29 29.45 29.60
CA GLN C 209 -4.91 25.79 30.07
CA MET C 210 -2.00 24.92 27.78
CA LEU C 211 0.22 27.09 29.92
CA LYS C 212 -0.63 25.24 33.10
CA GLY C 213 -0.30 21.93 31.26
CA HIS C 214 3.40 21.93 30.44
CA LYS C 215 4.82 18.99 32.38
CA GLU C 216 1.32 17.54 32.28
CA VAL C 217 1.49 17.79 28.51
CA LEU C 218 4.79 15.84 28.35
CA ILE C 219 3.36 12.77 29.98
CA PHE C 220 0.60 13.76 27.54
CA GLY C 221 2.71 13.44 24.37
CA GLY C 222 0.40 15.76 22.49
CA GLN C 223 2.19 19.08 22.30
CA GLU C 224 1.27 18.76 18.65
CA VAL C 225 -2.43 17.97 19.24
CA GLU C 226 -2.27 21.26 21.10
CA THR C 227 -0.11 22.80 18.40
CA LYS C 228 -2.98 21.56 16.25
CA ARG C 229 -6.17 22.74 17.93
CA PHE C 230 -4.21 25.96 18.49
CA ASP C 231 -3.11 26.79 14.93
CA LYS C 232 -6.76 26.26 14.21
CA VAL C 233 -8.21 28.96 16.39
CA SER C 234 -5.17 30.99 15.27
CA ASN C 235 -6.62 31.53 11.83
CA LYS C 236 -10.13 31.71 13.29
CA MET C 237 -8.83 34.98 14.70
CA ARG C 238 -6.87 36.80 11.96
CA LEU C 239 -9.41 35.62 9.42
CA GLN C 240 -12.30 36.50 11.74
CA GLY C 241 -11.30 40.16 11.56
CA MET C 242 -10.63 39.66 7.85
CA LYS C 243 -14.23 39.13 6.70
CA MET C 244 -14.86 42.15 8.94
CA VAL C 245 -12.24 44.48 7.37
CA SER C 246 -13.24 43.44 3.84
CA ALA C 247 -16.80 44.58 4.53
CA SER C 248 -15.20 47.89 5.59
CA SER C 249 -13.35 47.94 2.22
CA ILE C 250 -16.23 47.14 -0.07
CA SER C 251 -18.23 49.34 2.40
CA ASP C 252 -16.35 52.45 1.18
CA PRO C 253 -16.95 51.77 -2.53
CA ILE C 254 -20.63 50.97 -1.63
CA ILE C 255 -21.50 54.53 -0.72
CA GLN C 256 -18.62 55.97 -2.82
CA LEU C 257 -20.08 54.49 -6.03
CA ILE C 258 -23.64 55.76 -5.34
CA ALA C 259 -22.02 59.19 -4.77
CA SER C 260 -20.35 58.89 -8.21
CA LEU C 261 -24.01 58.55 -9.27
CA ALA C 262 -25.42 62.00 -8.30
CA LEU C 263 -22.28 63.35 -10.13
CA ALA C 264 -23.41 61.47 -13.29
CA PHE C 265 -26.69 63.35 -12.79
CA VAL C 266 -25.29 66.90 -12.75
CA LEU C 267 -22.70 66.06 -15.44
CA TYR C 268 -25.26 64.27 -17.66
CA ALA C 269 -28.41 66.11 -16.62
CA ALA C 270 -25.80 68.79 -17.52
CA SER C 271 -25.73 67.37 -21.05
CA PHE C 272 -29.30 68.40 -21.91
CA PRO C 273 -30.65 70.44 -18.95
CA SER C 274 -27.39 72.62 -18.68
CA VAL C 275 -27.21 73.31 -22.42
CA MET C 276 -30.31 75.31 -21.35
CA ASP C 277 -31.55 77.86 -18.78
CA SER C 278 -30.35 78.82 -15.24
CA LEU C 279 -27.44 76.34 -15.41
CA THR C 280 -24.42 78.08 -16.93
CA ALA C 281 -20.77 78.85 -16.08
CA GLY C 282 -22.29 79.74 -12.72
CA THR C 283 -24.75 77.22 -11.24
CA ILE C 284 -23.45 74.08 -13.14
CA THR C 285 -19.88 74.62 -11.85
CA VAL C 286 -21.32 75.31 -8.25
CA VAL C 287 -23.33 72.09 -7.64
CA PHE C 288 -21.09 69.77 -9.77
CA SER C 289 -18.12 70.91 -7.66
CA SER C 290 -20.08 70.76 -4.35
CA MET C 291 -21.21 67.27 -5.45
CA ILE C 292 -17.48 66.36 -5.56
CA ALA C 293 -16.95 67.99 -2.11
CA LEU C 294 -19.66 65.83 -0.47
CA MET C 295 -18.09 62.67 -2.04
CA ARG C 296 -14.94 63.13 0.09
CA PRO C 297 -16.59 63.50 3.55
CA LEU C 298 -18.44 60.21 3.06
CA LYS C 299 -15.19 58.32 2.27
CA SER C 300 -13.93 59.13 5.72
CA LEU C 301 -17.37 58.86 7.29
CA THR C 302 -18.03 55.30 6.22
CA ASN C 303 -14.50 53.93 6.46
CA VAL C 304 -13.79 55.51 9.86
CA ASN C 305 -17.39 55.11 11.03
CA ALA C 306 -16.81 51.43 10.27
CA GLN C 307 -14.00 50.98 12.80
CA PHE C 308 -16.09 53.01 15.22
CA GLN C 309 -19.05 50.72 14.67
CA ARG C 310 -16.74 47.93 15.79
CA GLY C 311 -15.86 49.74 18.96
CA MET C 312 -19.42 50.62 19.96
CA ALA C 313 -20.90 47.34 18.72
CA ALA C 314 -18.22 45.31 20.50
CA CYS C 315 -19.20 47.60 23.33
CA GLN C 316 -22.87 46.71 23.00
CA THR C 317 -21.84 43.21 24.07
CA LEU C 318 -19.19 44.03 26.68
CA PHE C 319 -21.75 46.16 28.54
CA ALA C 320 -24.49 43.59 28.34
CA ILE C 321 -22.25 41.15 30.25
CA LEU C 322 -21.40 43.14 33.34
CA ASP C 323 -25.00 44.24 33.91
CA SER C 324 -26.33 41.24 35.84
CA GLU C 325 -26.51 40.42 39.54
CA GLN C 326 -23.54 39.73 41.84
CA GLU C 327 -23.60 36.19 43.28
CA LYS C 328 -25.19 37.43 46.46
CA ASP C 329 -28.29 39.06 47.95
CA GLU C 330 -26.62 40.84 50.82
CA GLY C 331 -27.92 40.12 54.30
CA LYS C 332 -29.37 42.80 56.56
CA ARG C 333 -28.60 41.61 60.10
CA VAL C 334 -24.93 42.62 59.81
CA ILE C 335 -23.48 42.95 63.33
CA ASP C 336 -20.07 41.28 63.91
CA ARG C 337 -20.08 38.26 66.36
CA ALA C 338 -17.04 36.38 67.70
CA THR C 339 -19.32 33.45 68.66
CA GLY C 340 -19.59 30.24 66.68
CA ASP C 341 -22.67 28.11 66.07
CA LEU C 342 -24.43 25.86 63.57
CA GLU C 343 -28.12 25.45 62.92
CA PHE C 344 -28.16 23.35 59.83
CA ARG C 345 -31.20 21.19 59.55
CA ASN C 346 -33.61 19.49 57.26
CA VAL C 347 -31.49 21.27 54.71
CA THR C 348 -31.07 20.08 51.13
CA PHE C 349 -29.71 21.89 48.05
CA THR C 350 -29.09 20.68 44.51
CA TYR C 351 -26.86 22.57 42.06
CA PRO C 352 -26.48 23.94 38.53
CA GLY C 353 -26.43 20.41 37.17
CA ARG C 354 -30.03 19.59 38.18
CA GLU C 355 -29.94 15.98 39.40
CA VAL C 356 -30.19 14.48 42.89
CA PRO C 357 -30.06 17.57 45.14
CA ALA C 358 -26.40 17.43 46.27
CA LEU C 359 -27.23 17.24 50.00
CA ARG C 360 -30.48 15.98 51.51
CA ASN C 361 -32.64 17.11 54.42
CA ILE C 362 -30.28 16.81 57.31
CA ASN C 363 -30.89 17.82 60.85
CA LEU C 364 -27.90 19.36 62.62
CA LYS C 365 -26.62 21.78 65.24
CA ILE C 366 -23.07 22.51 66.46
CA PRO C 367 -22.19 25.27 69.04
CA ALA C 368 -19.19 27.45 69.85
CA GLY C 369 -16.00 26.04 71.30
CA LYS C 370 -17.07 22.82 69.62
CA THR C 371 -14.94 20.53 67.49
CA VAL C 372 -16.85 18.62 64.83
CA ALA C 373 -15.74 16.28 62.09
CA LEU C 374 -17.31 14.98 58.93
CA VAL C 375 -16.63 11.48 57.81
CA GLY C 376 -17.55 9.55 54.73
CA ARG C 377 -16.12 9.78 51.26
CA SER C 378 -14.22 12.72 49.71
CA GLY C 379 -16.67 11.59 47.11
CA SER C 380 -19.68 12.96 48.95
CA GLY C 381 -19.60 16.76 49.27
CA LYS C 382 -18.81 17.37 52.92
CA SER C 383 -16.82 20.31 51.64
CA THR C 384 -19.99 21.43 49.98
CA ILE C 385 -21.80 22.15 53.20
CA ALA C 386 -18.81 23.85 54.77
CA SER C 387 -18.99 26.37 52.01
CA LEU C 388 -22.73 26.36 51.40
CA ILE C 389 -22.74 27.14 55.08
CA THR C 390 -20.67 30.20 54.40
CA ARG C 391 -23.24 31.79 52.09
CA PHE C 392 -21.51 31.23 48.81
CA TYR C 393 -24.64 29.52 47.66
CA ASP C 394 -28.17 29.51 48.82
CA ILE C 395 -30.44 26.91 50.25
CA ASP C 396 -32.65 25.16 47.73
CA GLU C 397 -34.62 24.17 50.85
CA GLY C 398 -34.27 24.06 54.63
CA HIS C 399 -31.93 26.40 56.43
CA ILE C 400 -28.60 27.04 58.06
CA LEU C 401 -27.07 29.73 60.21
CA MET C 402 -25.49 30.31 63.57
CA ASP C 403 -25.97 32.26 66.82
CA GLY C 404 -29.65 32.42 65.88
CA HIS C 405 -30.00 34.37 62.69
CA ASP C 406 -29.68 32.64 59.30
CA LEU C 407 -27.17 33.60 56.60
CA ARG C 408 -29.89 35.32 54.62
CA GLU C 409 -29.78 37.80 57.49
CA TYR C 410 -26.06 37.94 58.07
CA THR C 411 -24.73 40.27 55.41
CA LEU C 412 -22.51 38.37 53.07
CA ALA C 413 -19.39 40.38 53.92
CA SER C 414 -19.61 39.98 57.68
CA LEU C 415 -20.69 36.34 58.00
CA ARG C 416 -17.65 35.73 55.81
CA ASN C 417 -15.00 37.53 57.79
CA GLN C 418 -16.22 35.98 61.02
CA VAL C 419 -14.98 32.61 59.87
CA ALA C 420 -11.73 31.04 58.65
CA LEU C 421 -11.26 28.20 56.18
CA VAL C 422 -8.74 26.25 54.16
CA SER C 423 -10.11 23.89 51.51
CA GLN C 424 -8.71 20.57 50.26
CA ASN C 425 -5.89 22.09 48.29
CA VAL C 426 -6.10 25.88 48.08
CA HIS C 427 -4.08 28.09 45.73
CA LEU C 428 -1.48 30.73 46.39
CA PHE C 429 -0.30 33.98 44.88
CA ASN C 430 3.29 34.89 44.04
CA ASP C 431 4.99 36.82 46.89
CA THR C 432 6.45 36.18 50.37
CA VAL C 433 5.39 33.67 52.92
CA ALA C 434 4.48 36.30 55.42
CA ASN C 435 2.36 38.28 53.07
CA ASN C 436 0.50 35.13 52.16
CA ILE C 437 -0.46 34.23 55.66
CA ALA C 438 -0.49 37.98 55.92
CA TYR C 439 -2.97 38.02 53.11
CA ALA C 440 -5.36 36.20 55.41
CA ARG C 441 -6.75 39.79 55.83
CA THR C 442 -5.51 43.42 56.30
CA GLU C 443 -2.47 42.45 54.16
CA GLU C 444 -0.69 44.89 56.51
CA TYR C 445 -1.36 43.49 60.00
CA SER C 446 1.80 42.37 61.92
CA ARG C 447 5.37 41.04 61.49
CA GLU C 448 4.87 39.07 64.67
CA GLN C 449 1.35 37.62 64.53
CA ILE C 450 2.57 35.98 61.39
CA GLU C 451 5.58 34.47 63.12
CA GLU C 452 3.15 32.85 65.52
CA ALA C 453 0.57 31.54 63.10
CA ALA C 454 3.70 30.50 61.21
CA ARG C 455 5.42 28.19 63.67
CA MET C 456 1.88 27.67 64.94
CA ALA C 457 1.33 25.97 61.65
CA TYR C 458 4.86 24.83 62.32
CA ALA C 459 6.54 26.81 59.60
CA MET C 460 9.26 29.02 60.97
CA ASP C 461 11.50 25.97 60.49
CA PHE C 462 12.10 25.64 56.70
CA ILE C 463 10.91 29.21 56.65
CA ASN C 464 14.25 30.02 58.27
CA LYS C 465 15.96 27.09 56.53
CA MET C 466 15.68 28.69 53.07
CA ASP C 467 16.97 32.30 52.76
CA ASN C 468 14.77 35.19 53.95
CA GLY C 469 11.85 32.80 54.00
CA LEU C 470 8.80 34.75 55.10
CA ASP C 471 10.43 37.59 53.21
CA THR C 472 11.11 35.59 50.08
CA ILE C 473 9.51 34.59 46.81
CA ILE C 474 6.85 31.87 46.90
CA GLY C 475 5.65 29.03 44.75
CA GLU C 476 3.54 30.76 42.14
CA ASN C 477 0.59 28.91 43.59
CA GLY C 478 3.11 26.15 44.11
CA VAL C 479 6.77 25.95 43.17
CA LEU C 480 9.67 25.76 45.65
CA LEU C 481 7.23 24.18 48.10
CA SER C 482 5.26 21.00 48.85
CA GLY C 483 1.75 20.28 49.92
CA GLY C 484 3.13 20.44 53.42
CA GLN C 485 4.73 23.88 53.69
CA ARG C 486 1.95 25.29 51.60
CA GLN C 487 -1.00 23.98 53.53
CA ARG C 488 0.40 24.73 56.95
CA ILE C 489 0.57 28.32 55.96
CA ALA C 490 -2.81 28.49 54.26
CA ILE C 491 -3.96 27.46 57.62
CA ALA C 492 -1.51 29.46 59.60
CA ARG C 493 -2.80 32.27 57.45
CA ALA C 494 -6.44 31.40 58.02
CA LEU C 495 -5.43 30.83 61.60
CA LEU C 496 -3.59 34.07 62.04
CA ARG C 497 -6.87 35.70 61.23
CA ASP C 498 -8.14 33.62 64.14
CA SER C 499 -11.80 33.32 63.50
CA PRO C 500 -14.31 32.05 66.10
CA ILE C 501 -15.36 29.47 63.53
CA LEU C 502 -12.49 27.57 62.00
CA ILE C 503 -13.36 25.33 59.08
CA LEU C 504 -10.78 22.92 57.80
CA ASP C 505 -11.36 20.61 54.86
CA GLU C 506 -9.23 17.52 54.31
CA ALA C 507 -6.93 19.98 55.98
CA THR C 508 -4.61 17.02 56.46
CA SER C 509 -3.77 15.51 53.05
CA ALA C 510 -0.23 15.16 51.70
CA LEU C 511 1.44 16.00 55.01
CA ASP C 512 3.57 14.14 57.53
CA THR C 513 1.90 12.31 60.40
CA GLU C 514 4.63 13.47 62.75
CA SER C 515 3.96 17.11 61.90
CA GLU C 516 0.25 16.34 61.89
CA ARG C 517 -0.23 15.49 65.57
CA ALA C 518 2.17 18.21 66.64
CA ILE C 519 -0.07 20.84 65.19
CA GLN C 520 -3.09 18.80 66.16
CA ALA C 521 -2.01 19.46 69.71
CA ALA C 522 -1.25 23.09 68.88
CA LEU C 523 -4.81 22.95 67.63
CA ASP C 524 -6.57 21.78 70.77
CA GLU C 525 -4.71 24.69 72.38
CA LEU C 526 -6.50 27.61 70.73
CA GLN C 527 -9.42 25.69 69.19
CA LYS C 528 -10.90 24.58 72.56
CA ASN C 529 -12.85 27.87 72.58
CA ARG C 530 -13.46 28.48 68.86
CA THR C 531 -16.01 26.44 66.95
CA SER C 532 -14.23 24.10 64.58
CA LEU C 533 -14.99 21.72 61.78
CA VAL C 534 -12.70 19.49 59.75
CA ILE C 535 -12.99 16.29 57.79
CA ALA C 536 -10.36 13.82 56.64
CA HIS C 537 -9.61 10.13 56.96
CA ARG C 538 -6.74 9.81 59.36
CA LEU C 539 -8.94 9.29 62.37
CA SER C 540 -6.06 10.93 64.25
CA THR C 541 -7.66 14.33 63.64
CA ILE C 542 -11.08 13.02 64.62
CA GLU C 543 -11.13 10.48 67.48
CA GLN C 544 -10.65 12.86 70.43
CA ALA C 545 -13.07 15.18 68.64
CA ASP C 546 -16.15 16.50 70.44
CA GLU C 547 -18.72 15.25 67.92
CA ILE C 548 -18.57 13.17 64.74
CA VAL C 549 -20.83 13.05 61.68
CA VAL C 550 -20.95 10.17 59.27
CA VAL C 551 -21.86 11.03 55.72
CA GLU C 552 -22.07 9.51 52.28
CA ASP C 553 -24.19 9.04 49.13
CA GLY C 554 -25.08 12.72 49.36
CA ILE C 555 -26.97 11.84 52.54
CA ILE C 556 -26.28 12.03 56.29
CA VAL C 557 -25.80 8.59 57.73
CA GLU C 558 -25.78 9.19 61.43
CA ARG C 559 -24.09 11.17 64.12
CA GLY C 560 -22.45 10.20 67.41
CA THR C 561 -18.93 10.48 68.73
CA HIS C 562 -15.75 8.46 68.57
CA SER C 563 -16.06 5.57 71.00
CA GLU C 564 -19.85 5.96 70.58
CA LEU C 565 -19.68 5.40 66.87
CA LEU C 566 -17.02 2.69 67.30
CA ALA C 567 -19.00 1.07 70.11
CA GLN C 568 -22.08 1.45 67.90
CA HIS C 569 -20.34 -0.77 65.26
CA GLY C 570 -22.04 1.55 62.78
CA VAL C 571 -20.75 2.38 59.35
CA TYR C 572 -17.96 4.27 60.96
CA ALA C 573 -16.69 1.01 62.36
CA GLN C 574 -15.41 -0.71 59.19
CA LEU C 575 -13.87 2.41 57.71
CA HIS C 576 -12.08 2.60 61.01
CA LYS C 577 -10.83 -0.99 61.11
CA MET C 578 -10.04 -0.39 57.44
CA GLN C 579 -7.35 2.24 58.21
CA PHE C 580 -5.46 -0.61 59.94
CA GLY C 581 -4.18 -3.29 57.54
CA TRP D 10 19.54 43.96 10.52
CA GLN D 11 16.60 44.20 12.92
CA THR D 12 13.10 42.89 13.08
CA PHE D 13 13.35 43.52 9.38
CA ARG D 14 15.82 40.72 8.73
CA ARG D 15 13.17 38.52 10.38
CA LEU D 16 10.17 40.37 8.91
CA TRP D 17 11.51 39.27 5.51
CA PRO D 18 11.29 35.61 6.50
CA THR D 19 7.54 35.71 7.37
CA ILE D 20 6.69 38.65 5.12
CA ALA D 21 8.45 36.51 2.45
CA PRO D 22 5.70 33.95 2.09
CA PHE D 23 3.34 36.95 1.76
CA LYS D 24 5.53 38.61 -0.92
CA ALA D 25 2.71 38.40 -3.46
CA GLY D 26 0.71 40.54 -1.06
CA LEU D 27 3.45 43.14 -1.41
CA ILE D 28 3.65 43.08 -5.21
CA VAL D 29 -0.14 42.97 -5.55
CA ALA D 30 0.07 46.03 -3.39
CA GLY D 31 2.08 47.55 -6.24
CA ILE D 32 -1.01 46.92 -8.38
CA ALA D 33 -3.60 48.38 -6.01
CA LEU D 34 -1.17 51.29 -6.32
CA ILE D 35 -1.07 51.33 -10.13
CA LEU D 36 -4.87 51.09 -10.43
CA ASN D 37 -5.02 54.17 -8.21
CA ALA D 38 -2.56 56.19 -10.41
CA ALA D 39 -5.10 55.56 -13.18
CA SER D 40 -8.18 56.55 -11.07
CA ASP D 41 -6.37 59.91 -10.48
CA THR D 42 -5.57 60.83 -14.13
CA PHE D 43 -9.16 59.91 -15.26
CA MET D 44 -10.76 62.11 -12.58
CA LEU D 45 -8.43 64.96 -13.73
CA SER D 46 -9.14 64.72 -17.50
CA LEU D 47 -12.83 65.16 -16.62
CA LEU D 48 -12.14 68.12 -14.24
CA LYS D 49 -10.74 70.58 -16.87
CA PRO D 50 -13.34 69.86 -19.60
CA LEU D 51 -16.28 69.42 -17.03
CA LEU D 52 -15.85 72.74 -15.06
CA ASP D 53 -15.10 75.47 -17.64
CA ASP D 54 -16.41 73.67 -20.78
CA GLY D 55 -19.01 71.71 -18.75
CA PHE D 56 -21.01 74.76 -17.65
CA GLY D 57 -22.93 74.72 -20.94
CA LYS D 58 -20.87 72.79 -23.54
CA THR D 59 -20.99 69.30 -21.93
CA ASP D 60 -22.01 67.21 -24.97
CA ARG D 61 -18.71 65.53 -25.86
CA SER D 62 -18.23 65.55 -22.06
CA VAL D 63 -21.66 64.08 -21.17
CA LEU D 64 -22.82 60.99 -23.10
CA LEU D 65 -19.22 59.89 -23.99
CA TRP D 66 -17.32 61.29 -20.90
CA MET D 67 -20.29 61.57 -18.42
CA PRO D 68 -21.40 57.95 -18.06
CA LEU D 69 -17.70 57.12 -18.64
CA VAL D 70 -16.74 59.14 -15.43
CA VAL D 71 -19.07 56.69 -13.71
CA ILE D 72 -17.24 53.67 -15.32
CA GLY D 73 -13.68 54.99 -14.78
CA LEU D 74 -14.06 55.67 -11.05
CA MET D 75 -16.00 52.37 -10.65
CA ILE D 76 -13.68 49.72 -12.22
CA LEU D 77 -10.75 51.63 -10.64
CA ARG D 78 -12.22 52.66 -7.20
CA GLY D 79 -13.83 49.22 -6.73
CA ILE D 80 -10.84 47.06 -7.81
CA THR D 81 -8.28 49.45 -6.22
CA SER D 82 -10.20 49.58 -2.87
CA TYR D 83 -10.25 45.79 -2.80
CA ILE D 84 -6.66 45.07 -3.97
CA SER D 85 -5.52 47.39 -1.13
CA SER D 86 -7.77 46.27 1.77
CA TYR D 87 -6.59 42.71 1.11
CA CYS D 88 -2.90 43.71 0.69
CA ILE D 89 -2.49 44.41 4.41
CA SER D 90 -5.14 41.78 5.29
CA TRP D 91 -4.08 38.28 4.10
CA VAL D 92 -0.54 39.78 4.27
CA SER D 93 -0.43 41.27 7.77
CA GLY D 94 -3.35 39.27 9.20
CA LYS D 95 -1.79 35.91 8.50
CA VAL D 96 1.98 36.62 8.70
CA VAL D 97 1.46 37.70 12.27
CA MET D 98 -0.81 35.14 13.84
CA THR D 99 1.25 32.35 12.30
CA MET D 100 4.28 33.75 14.02
CA ARG D 101 2.14 33.64 17.18
CA ARG D 102 1.99 29.89 16.76
CA ARG D 103 5.76 30.06 16.29
CA LEU D 104 6.10 31.75 19.67
CA PHE D 105 3.61 29.19 20.83
CA GLY D 106 5.74 26.39 19.45
CA HIS D 107 8.90 27.44 21.25
CA MET D 108 6.39 28.18 24.00
CA MET D 109 6.10 24.54 24.82
CA GLY D 110 9.72 24.00 23.78
CA MET D 111 11.03 26.08 26.66
CA PRO D 112 9.13 24.92 29.81
CA VAL D 113 8.90 24.74 33.63
CA ALA D 114 12.30 26.22 34.43
CA PHE D 115 10.75 29.34 33.04
CA PHE D 116 7.19 28.48 34.04
CA ASP D 117 8.56 28.85 37.55
CA LYS D 118 10.53 32.11 37.16
CA GLN D 119 7.34 34.19 36.90
CA SER D 120 3.67 34.56 36.05
CA THR D 121 1.93 33.29 33.00
CA GLY D 122 -0.02 36.39 32.11
CA THR D 123 3.23 38.21 31.31
CA LEU D 124 4.09 36.10 28.29
CA LEU D 125 0.64 34.79 27.50
CA SER D 126 -0.96 38.18 27.14
CA ARG D 127 2.33 39.30 25.67
CA ILE D 128 1.57 36.89 22.86
CA THR D 129 -1.92 38.36 22.52
CA TYR D 130 -1.36 42.16 22.76
CA ASP D 131 2.19 42.07 21.37
CA SER D 132 0.97 40.33 18.24
CA GLU D 133 -1.54 43.01 17.27
CA GLN D 134 1.40 45.42 17.54
CA VAL D 135 3.72 43.58 15.14
CA ALA D 136 0.83 43.73 12.63
CA SER D 137 0.84 47.54 12.53
CA SER D 138 4.43 46.75 11.40
CA SER D 139 3.84 44.21 8.60
CA SER D 140 0.91 46.23 7.23
CA GLY D 141 2.44 49.60 8.00
CA ALA D 142 5.71 48.47 6.33
CA LEU D 143 3.67 48.16 3.13
CA ILE D 144 1.36 51.27 3.05
CA THR D 145 4.08 53.74 4.12
CA VAL D 146 7.25 52.55 2.29
CA VAL D 147 5.14 52.91 -0.88
CA ARG D 148 3.05 56.12 -0.65
CA GLU D 149 5.80 58.13 1.05
CA GLY D 150 8.67 56.20 -0.58
CA ALA D 151 7.72 57.62 -4.01
CA SER D 152 5.95 60.82 -2.85
CA ILE D 153 8.98 62.26 -1.05
CA ILE D 154 11.72 60.48 -3.07
CA GLY D 155 9.87 61.12 -6.30
CA LEU D 156 9.39 64.80 -5.41
CA PHE D 157 12.80 65.28 -3.61
CA ILE D 158 14.97 63.83 -6.43
CA MET D 159 13.11 65.70 -9.21
CA MET D 160 12.71 68.92 -7.14
CA PHE D 161 16.40 68.83 -6.00
CA TYR D 162 17.47 69.07 -9.70
CA TYR D 163 15.05 71.98 -10.64
CA SER D 164 15.46 75.47 -9.18
CA TRP D 165 18.78 73.74 -8.38
CA GLN D 166 20.08 76.38 -5.95
CA LEU D 167 17.00 76.97 -3.74
CA SER D 168 17.78 73.42 -2.54
CA ILE D 169 20.75 74.05 -0.15
CA ILE D 170 18.26 74.63 2.69
CA LEU D 171 17.10 71.20 1.48
CA VAL D 172 20.43 69.29 1.90
CA VAL D 173 20.75 70.89 5.36
CA LEU D 174 17.02 70.94 6.22
CA ALA D 175 16.68 67.31 4.97
CA PRO D 176 19.43 65.76 7.10
CA ILE D 177 18.45 67.97 10.16
CA VAL D 178 14.69 67.20 10.27
CA SER D 179 15.50 63.64 9.10
CA ILE D 180 17.73 62.96 12.10
CA ALA D 181 15.44 64.83 14.53
CA ILE D 182 12.45 62.59 13.66
CA ARG D 183 14.30 59.24 13.56
CA VAL D 184 15.27 59.75 17.20
CA VAL D 185 11.83 60.81 18.56
CA SER D 186 10.32 57.67 16.98
CA LYS D 187 12.93 55.62 18.90
CA ARG D 188 11.75 57.03 22.24
CA PHE D 189 8.27 55.57 21.61
CA ARG D 190 9.93 52.43 20.21
CA SER D 191 11.23 51.72 23.70
CA ILE D 192 8.00 53.08 25.20
CA SER D 193 5.91 50.61 23.25
CA LYS D 194 8.29 47.81 24.31
CA ASN D 195 7.83 48.01 28.07
CA MET D 196 4.28 49.02 27.15
CA GLN D 197 3.42 45.39 26.34
CA ASN D 198 5.11 44.47 29.59
CA THR D 199 2.51 46.46 31.50
CA MET D 200 -0.22 45.03 29.27
CA GLY D 201 0.75 41.55 30.39
CA GLN D 202 1.39 42.47 33.99
CA VAL D 203 -2.09 43.91 34.50
CA THR D 204 -3.61 41.01 32.70
CA THR D 205 -1.83 38.63 35.07
CA SER D 206 -3.32 40.65 37.93
CA ALA D 207 -6.57 39.38 36.53
CA GLU D 208 -5.28 35.83 36.29
CA GLN D 209 -4.46 35.28 39.90
CA MET D 210 -7.42 37.40 40.96
CA LEU D 211 -9.63 35.22 38.84
CA LYS D 212 -8.55 32.04 40.56
CA GLY D 213 -8.82 33.75 43.92
CA HIS D 214 -12.55 34.38 44.13
CA LYS D 215 -13.71 32.31 47.07
CA GLU D 216 -10.18 32.55 48.36
CA VAL D 217 -10.54 36.30 48.24
CA LEU D 218 -13.73 36.25 50.35
CA ILE D 219 -12.09 34.63 53.30
CA PHE D 220 -9.53 37.23 52.26
CA GLY D 221 -11.75 40.25 52.77
CA GLY D 222 -9.65 42.32 50.40
CA GLN D 223 -11.60 42.52 47.18
CA GLU D 224 -10.83 46.18 47.55
CA VAL D 225 -7.10 45.74 48.15
CA GLU D 226 -7.31 43.99 44.84
CA THR D 227 -9.67 46.61 43.47
CA LYS D 228 -6.86 48.87 44.62
CA ARG D 229 -3.65 47.39 43.24
CA PHE D 230 -5.73 46.83 40.10
CA ASP D 231 -7.04 50.34 39.43
CA LYS D 232 -3.41 51.23 39.81
CA VAL D 233 -2.00 49.19 36.98
CA SER D 234 -5.17 50.20 35.14
CA ASN D 235 -3.92 53.73 34.64
CA LYS D 236 -0.36 52.47 34.26
CA MET D 237 -1.75 51.08 31.03
CA ARG D 238 -3.89 53.76 29.37
CA LEU D 239 -1.43 56.40 30.51
CA GLN D 240 1.50 54.26 29.41
CA GLY D 241 0.33 54.48 25.81
CA MET D 242 -0.48 58.14 26.45
CA LYS D 243 3.07 59.45 26.87
CA MET D 244 3.65 57.33 23.73
CA VAL D 245 0.85 58.82 21.58
CA SER D 246 1.74 62.38 22.67
CA ALA D 247 5.26 61.90 21.35
CA SER D 248 3.57 60.85 18.09
CA SER D 249 1.57 64.12 18.22
CA ILE D 250 4.37 66.52 18.95
CA SER D 251 6.36 64.23 16.61
CA ASP D 252 4.29 65.43 13.62
CA PRO D 253 4.73 69.14 14.38
CA ILE D 254 8.47 68.41 14.97
CA ILE D 255 9.22 67.66 11.35
CA GLN D 256 6.19 69.63 10.11
CA LEU D 257 7.56 72.87 11.60
CA ILE D 258 11.08 72.39 10.17
CA ALA D 259 9.33 71.84 6.81
CA SER D 260 7.50 75.18 7.28
CA LEU D 261 11.13 76.44 7.49
CA ALA D 262 12.42 75.63 3.94
CA LEU D 263 9.13 77.33 2.79
CA ALA D 264 10.19 80.47 4.71
CA PHE D 265 13.40 80.20 2.68
CA VAL D 266 11.84 80.20 -0.80
CA LEU D 267 9.16 82.70 0.22
CA TYR D 268 11.68 85.00 1.96
CA ALA D 269 14.78 84.16 -0.06
CA ALA D 270 12.01 85.02 -2.59
CA SER D 271 11.85 88.50 -1.06
CA PHE D 272 15.32 89.57 -2.23
CA PRO D 273 16.71 86.73 -4.41
CA SER D 274 13.37 86.36 -6.45
CA VAL D 275 12.98 90.10 -7.02
CA MET D 276 16.01 89.25 -9.19
CA ASP D 277 17.25 86.80 -11.86
CA SER D 278 16.19 83.26 -12.86
CA LEU D 279 13.40 83.24 -10.27
CA THR D 280 10.23 84.63 -11.82
CA ALA D 281 6.60 83.61 -12.45
CA GLY D 282 8.24 80.35 -13.50
CA THR D 283 10.88 78.93 -11.14
CA ILE D 284 9.63 80.68 -7.90
CA THR D 285 6.12 79.21 -8.31
CA VAL D 286 7.70 75.73 -9.16
CA VAL D 287 9.88 75.13 -6.06
CA PHE D 288 7.65 77.07 -3.58
CA SER D 289 4.75 74.83 -4.63
CA SER D 290 6.86 71.63 -4.69
CA MET D 291 8.08 72.70 -1.21
CA ILE D 292 4.41 72.58 -0.13
CA ALA D 293 3.98 69.18 -1.83
CA LEU D 294 6.87 67.60 0.15
CA MET D 295 5.37 69.03 3.43
CA ARG D 296 2.32 66.75 3.04
CA PRO D 297 4.12 63.39 2.49
CA LEU D 298 6.11 63.88 5.72
CA LYS D 299 2.90 64.46 7.76
CA SER D 300 1.77 60.95 6.93
CA LEU D 301 5.31 59.53 6.99
CA THR D 302 6.09 60.55 10.55
CA ASN D 303 2.62 60.10 12.08
CA VAL D 304 2.01 56.71 10.43
CA ASN D 305 5.68 55.73 10.62
CA ALA D 306 5.24 56.34 14.35
CA GLN D 307 2.57 53.67 14.85
CA PHE D 308 4.67 51.42 12.66
CA GLN D 309 7.71 52.06 14.81
CA ARG D 310 5.59 50.74 17.67
CA GLY D 311 4.79 47.59 15.80
CA MET D 312 8.34 46.79 14.75
CA ALA D 313 9.93 48.00 18.00
CA ALA D 314 7.43 46.04 20.08
CA CYS D 315 8.43 43.33 17.69
CA GLN D 316 12.13 43.83 18.40
CA THR D 317 11.33 42.60 21.91
CA LEU D 318 8.75 39.89 21.14
CA PHE D 319 11.30 38.21 18.85
CA ALA D 320 14.15 38.49 21.30
CA ILE D 321 12.12 36.40 23.78
CA LEU D 322 11.33 33.32 21.73
CA ASP D 323 14.92 32.96 20.48
CA SER D 324 16.49 31.03 23.35
CA GLU D 325 16.88 27.31 24.04
CA GLN D 326 14.06 24.88 24.79
CA GLU D 327 14.36 23.35 28.29
CA LYS D 328 16.06 20.28 26.88
CA ASP D 329 19.14 18.97 25.08
CA GLU D 330 17.53 16.07 23.28
CA GLY D 331 19.04 12.65 23.84
CA LYS D 332 20.47 10.52 21.02
CA ARG D 333 19.93 6.92 22.14
CA VAL D 334 16.20 7.06 21.32
CA ILE D 335 14.91 3.47 20.94
CA ASP D 336 11.62 2.68 22.76
CA ARG D 337 11.89 0.18 25.70
CA ALA D 338 8.99 -1.38 27.67
CA THR D 339 11.46 -2.29 30.47
CA GLY D 340 11.78 -0.38 33.72
CA ASP D 341 14.92 0.30 35.72
CA LEU D 342 16.67 2.84 37.96
CA GLU D 343 20.33 3.67 38.22
CA PHE D 344 20.32 6.68 40.40
CA ARG D 345 23.44 7.06 42.43
CA ASN D 346 25.82 9.40 44.09
CA VAL D 347 23.47 11.90 42.47
CA THR D 348 22.97 15.44 43.79
CA PHE D 349 21.36 18.49 42.14
CA THR D 350 20.61 21.96 43.50
CA TYR D 351 18.18 24.35 41.78
CA PRO D 352 17.57 27.87 40.52
CA GLY D 353 17.62 29.13 44.10
CA ARG D 354 21.30 28.28 44.74
CA GLU D 355 21.44 26.97 48.28
CA VAL D 356 21.93 23.47 49.66
CA PRO D 357 21.77 21.31 46.52
CA ALA D 358 18.18 19.99 46.79
CA LEU D 359 19.18 16.30 46.84
CA ARG D 360 22.58 14.93 47.92
CA ASN D 361 24.84 12.14 46.59
CA ILE D 362 22.64 9.11 46.92
CA ASN D 363 23.36 5.64 45.79
CA LEU D 364 20.39 3.77 44.32
CA LYS D 365 19.13 1.16 41.88
CA ILE D 366 15.61 -0.22 41.28
CA PRO D 367 14.74 -2.77 38.50
CA ALA D 368 11.67 -3.65 36.43
CA GLY D 369 8.62 -5.29 37.94
CA LYS D 370 9.75 -3.67 41.15
CA THR D 371 7.62 -1.71 43.59
CA VAL D 372 9.50 0.99 45.50
CA ALA D 373 8.37 3.61 47.99
CA LEU D 374 9.85 6.82 49.28
CA VAL D 375 9.28 7.80 52.83
CA GLY D 376 10.13 10.86 54.82
CA ARG D 377 8.52 14.27 54.76
CA SER D 378 6.41 15.78 51.93
CA GLY D 379 8.78 18.46 53.05
CA SER D 380 11.83 16.83 51.49
CA GLY D 381 11.59 16.63 47.70
CA LYS D 382 10.92 12.96 47.02
CA SER D 383 8.74 14.21 44.20
CA THR D 384 11.78 16.07 42.98
CA ILE D 385 13.71 12.95 42.09
CA ALA D 386 10.73 11.27 40.49
CA SER D 387 10.65 14.12 38.03
CA LEU D 388 14.36 14.92 37.89
CA ILE D 389 14.52 11.25 37.01
CA THR D 390 12.24 11.91 34.05
CA ARG D 391 14.63 14.39 32.42
CA PHE D 392 12.77 17.57 33.17
CA TYR D 393 15.92 18.81 34.77
CA ASP D 394 19.51 17.84 34.57
CA ILE D 395 21.96 16.47 37.02
CA ASP D 396 24.13 19.05 38.74
CA GLU D 397 26.27 16.02 39.56
CA GLY D 398 26.12 12.19 39.55
CA HIS D 399 23.77 10.34 37.29
CA ILE D 400 20.50 8.58 36.76
CA LEU D 401 18.95 6.44 34.09
CA MET D 402 17.50 3.01 33.47
CA ASP D 403 18.05 -0.17 31.42
CA GLY D 404 21.67 0.96 31.12
CA HIS D 405 21.77 4.24 29.22
CA ASP D 406 21.36 7.54 31.07
CA LEU D 407 18.68 10.13 30.30
CA ARG D 408 21.23 12.31 28.52
CA GLU D 409 21.13 9.50 25.98
CA TYR D 410 17.45 8.73 26.00
CA THR D 411 15.88 11.37 23.83
CA LEU D 412 13.64 13.54 25.88
CA ALA D 413 10.47 12.60 23.98
CA SER D 414 10.90 8.84 24.26
CA LEU D 415 12.18 8.49 27.84
CA ARG D 416 9.07 10.51 28.65
CA ASN D 417 6.42 8.44 26.89
CA GLN D 418 7.87 5.24 28.30
CA VAL D 419 6.75 6.23 31.75
CA ALA D 420 3.50 7.24 33.49
CA LEU D 421 3.04 9.63 36.44
CA VAL D 422 0.53 11.44 38.57
CA SER D 423 1.89 14.10 40.94
CA GLN D 424 0.60 15.17 44.35
CA ASN D 425 -2.40 17.04 43.02
CA VAL D 426 -2.37 17.35 39.22
CA HIS D 427 -4.61 19.66 37.19
CA LEU D 428 -7.31 18.96 34.65
CA PHE D 429 -8.70 20.50 31.51
CA ASN D 430 -12.36 21.19 30.78
CA ASP D 431 -14.02 18.29 28.85
CA THR D 432 -15.29 14.71 29.45
CA VAL D 433 -13.99 12.15 31.84
CA ALA D 434 -13.07 9.80 29.08
CA ASN D 435 -11.15 12.30 27.08
CA ASN D 436 -9.19 13.22 30.17
CA ILE D 437 -8.02 9.74 30.93
CA ALA D 438 -8.17 9.59 27.16
CA TYR D 439 -5.83 12.53 27.10
CA ALA D 440 -3.25 10.30 28.75
CA ARG D 441 -2.01 10.03 25.09
CA THR D 442 -3.39 9.61 21.50
CA GLU D 443 -6.50 11.57 22.67
CA GLU D 444 -8.27 9.20 20.25
CA TYR D 445 -7.36 5.72 21.51
CA SER D 446 -10.39 3.61 22.71
CA ARG D 447 -13.88 3.82 24.20
CA GLU D 448 -13.13 0.61 26.07
CA GLN D 449 -9.55 0.88 27.37
CA ILE D 450 -10.84 3.91 29.16
CA GLU D 451 -13.72 2.00 30.76
CA GLU D 452 -11.09 -0.32 32.18
CA ALA D 453 -8.57 2.19 33.45
CA ALA D 454 -11.74 3.90 34.69
CA ARG D 455 -13.22 1.29 37.00
CA MET D 456 -9.60 0.19 37.31
CA ALA D 457 -9.12 3.46 39.08
CA TYR D 458 -12.58 2.57 40.37
CA ALA D 459 -14.48 5.25 38.53
CA MET D 460 -17.21 3.82 36.41
CA ASP D 461 -19.33 4.11 39.56
CA PHE D 462 -20.12 7.84 40.03
CA ILE D 463 -19.09 8.06 36.41
CA ASN D 464 -22.36 6.30 35.72
CA LYS D 465 -24.02 7.87 38.77
CA MET D 466 -23.98 11.37 37.28
CA ASP D 467 -25.47 11.71 33.74
CA ASN D 468 -23.35 10.71 30.73
CA GLY D 469 -20.32 10.73 33.00
CA LEU D 470 -17.33 9.86 30.86
CA ASP D 471 -19.16 11.74 28.14
CA THR D 472 -19.91 14.77 30.25
CA ILE D 473 -18.45 18.10 31.29
CA ILE D 474 -15.65 18.07 33.89
CA GLY D 475 -14.43 20.18 36.74
CA GLU D 476 -12.53 22.95 34.98
CA ASN D 477 -9.41 21.60 36.65
CA GLY D 478 -11.79 20.88 39.51
CA VAL D 479 -15.47 21.62 39.91
CA LEU D 480 -18.21 18.99 40.14
CA LEU D 481 -15.60 16.63 41.54
CA SER D 482 -13.46 15.88 44.61
CA GLY D 483 -9.86 14.98 45.14
CA GLY D 484 -11.09 11.41 44.93
CA GLN D 485 -12.82 11.16 41.57
CA ARG D 486 -10.23 13.43 40.08
CA GLN D 487 -7.10 11.62 41.21
CA ARG D 488 -8.37 8.15 40.42
CA ILE D 489 -8.77 9.25 36.88
CA ALA D 490 -5.46 11.13 36.60
CA ILE D 491 -4.12 7.79 37.48
CA ALA D 492 -6.58 5.74 35.54
CA ARG D 493 -5.51 8.04 32.72
CA ALA D 494 -1.81 7.63 33.42
CA LEU D 495 -2.61 3.97 33.93
CA LEU D 496 -4.59 3.53 30.75
CA ARG D 497 -1.42 4.55 28.98
CA ASP D 498 0.07 1.66 30.93
CA SER D 499 3.72 2.45 31.08
CA PRO D 500 6.41 -0.05 32.18
CA ILE D 501 7.47 2.50 34.77
CA LEU D 502 4.58 3.83 36.85
CA ILE D 503 5.45 6.74 39.14
CA LEU D 504 2.90 7.83 41.70
CA ASP D 505 3.47 10.74 44.07
CA GLU D 506 1.45 11.09 47.25
CA ALA D 507 -0.88 9.37 44.86
CA THR D 508 -3.04 8.67 47.90
CA SER D 509 -3.97 12.01 49.56
CA ALA D 510 -7.56 13.18 50.11
CA LEU D 511 -9.12 9.80 49.22
CA ASP D 512 -11.03 7.13 51.10
CA THR D 513 -9.12 4.29 52.78
CA GLU D 514 -11.77 1.86 51.67
CA SER D 515 -11.33 2.82 48.04
CA GLU D 516 -7.59 3.00 48.64
CA ARG D 517 -6.88 -0.66 49.37
CA ALA D 518 -9.37 -1.79 46.72
CA ILE D 519 -7.32 -0.15 44.04
CA GLN D 520 -4.16 -1.02 45.91
CA ALA D 521 -5.09 -4.61 45.20
CA ALA D 522 -6.06 -3.71 41.62
CA LEU D 523 -2.56 -2.27 41.64
CA ASP D 524 -0.60 -5.36 42.64
CA GLU D 525 -2.51 -7.00 39.76
CA LEU D 526 -0.95 -5.17 36.81
CA GLN D 527 2.00 -3.53 38.64
CA LYS D 528 3.66 -6.84 39.61
CA ASN D 529 5.44 -6.69 36.22
CA ARG D 530 5.84 -2.93 35.70
CA THR D 531 8.42 -0.97 37.67
CA SER D 532 6.61 1.24 40.16
CA LEU D 533 7.35 4.03 42.57
CA VAL D 534 5.09 5.89 44.96
CA ILE D 535 5.42 7.77 48.22
CA ALA D 536 2.85 8.73 50.83
CA HIS D 537 2.30 8.27 54.52
CA ARG D 538 -0.44 5.71 54.91
CA LEU D 539 1.94 2.78 55.26
CA SER D 540 -0.93 0.81 53.69
CA THR D 541 0.47 1.59 50.24
CA ILE D 542 4.01 0.78 51.35
CA GLU D 543 4.31 -2.17 53.81
CA GLN D 544 3.86 -5.07 51.35
CA ALA D 545 6.10 -3.10 48.99
CA ASP D 546 9.18 -4.70 47.46
CA GLU D 547 11.68 -2.08 48.68
CA ILE D 548 11.49 1.03 50.86
CA VAL D 549 13.60 4.17 50.97
CA VAL D 550 13.72 6.51 53.91
CA VAL D 551 14.41 10.14 53.10
CA GLU D 552 14.53 13.54 54.74
CA ASP D 553 16.52 16.78 55.19
CA GLY D 554 17.24 16.71 51.48
CA ILE D 555 19.33 13.60 52.17
CA ILE D 556 18.81 9.81 51.90
CA VAL D 557 18.58 8.25 55.32
CA GLU D 558 18.70 4.59 54.61
CA ARG D 559 17.03 1.87 52.61
CA GLY D 560 15.62 -1.51 53.57
CA THR D 561 12.14 -3.01 53.41
CA HIS D 562 9.07 -3.09 55.57
CA SER D 563 9.63 -5.57 58.38
CA GLU D 564 13.37 -4.95 57.84
CA LEU D 565 13.05 -1.27 58.51
CA LEU D 566 10.55 -1.91 61.33
CA ALA D 567 12.74 -4.66 62.77
CA GLN D 568 15.67 -2.30 62.31
CA HIS D 569 13.92 0.20 64.70
CA GLY D 570 15.38 2.85 62.37
CA VAL D 571 13.90 6.23 61.71
CA TYR D 572 11.09 4.53 59.90
CA ALA D 573 10.05 2.97 63.18
CA GLN D 574 8.71 6.02 65.05
CA LEU D 575 6.95 7.53 62.05
CA HIS D 576 5.33 4.12 61.84
CA LYS D 577 4.24 3.86 65.48
CA MET D 578 3.26 7.51 65.03
CA GLN D 579 0.48 6.66 62.48
CA PHE D 580 -1.19 4.76 65.38
CA GLY D 581 -2.45 7.04 68.18
PB ADP E . 25.87 -44.39 -49.94
O1B ADP E . 27.12 -43.70 -49.75
O2B ADP E . 24.42 -43.92 -49.55
PA ADP E . 25.56 -41.78 -50.66
O1A ADP E . 24.39 -41.62 -49.76
O2A ADP E . 26.89 -41.36 -49.87
O3A ADP E . 25.69 -43.34 -51.20
O5' ADP E . 25.39 -40.68 -51.87
C5' ADP E . 25.30 -39.41 -51.18
C4' ADP E . 25.18 -38.19 -52.10
O4' ADP E . 24.02 -38.28 -52.94
C3' ADP E . 25.07 -36.93 -51.24
O3' ADP E . 26.08 -35.97 -51.58
C2' ADP E . 23.65 -36.39 -51.46
O2' ADP E . 23.67 -35.04 -51.94
C1' ADP E . 22.99 -37.35 -52.48
N9 ADP E . 21.83 -38.10 -51.90
C8 ADP E . 21.70 -39.46 -51.82
N7 ADP E . 20.57 -39.78 -51.27
C5 ADP E . 19.90 -38.67 -50.96
C6 ADP E . 18.68 -38.40 -50.37
N6 ADP E . 17.88 -39.46 -49.97
N1 ADP E . 18.29 -37.14 -50.21
C2 ADP E . 19.05 -36.11 -50.60
N3 ADP E . 20.24 -36.31 -51.16
C4 ADP E . 20.69 -37.56 -51.36
V VO4 F . 26.12 -46.81 -50.02
O1 VO4 F . 25.95 -45.65 -50.83
PB ADP G . 30.93 -54.44 -30.16
O1B ADP G . 30.72 -55.69 -30.85
O2B ADP G . 29.86 -53.63 -29.31
PA ADP G . 29.59 -56.15 -28.55
O1A ADP G . 28.52 -55.17 -28.29
O2A ADP G . 29.20 -57.05 -29.81
O3A ADP G . 31.00 -55.39 -28.84
O5' ADP G . 29.70 -57.13 -27.27
C5' ADP G . 28.41 -57.74 -27.15
C4' ADP G . 28.38 -58.74 -25.99
O4' ADP G . 28.70 -58.11 -24.73
C3' ADP G . 26.98 -59.37 -25.88
O3' ADP G . 27.06 -60.80 -25.85
C2' ADP G . 26.38 -58.80 -24.59
O2' ADP G . 26.04 -59.85 -23.69
C1' ADP G . 27.46 -57.86 -24.00
N9 ADP G . 27.10 -56.40 -24.08
C8 ADP G . 27.83 -55.39 -24.65
N7 ADP G . 27.22 -54.25 -24.54
C5 ADP G . 26.06 -54.43 -23.88
C6 ADP G . 24.99 -53.58 -23.47
N6 ADP G . 25.04 -52.23 -23.74
N1 ADP G . 23.95 -54.10 -22.81
C2 ADP G . 23.89 -55.42 -22.53
N3 ADP G . 24.86 -56.25 -22.91
C4 ADP G . 25.95 -55.81 -23.58
V VO4 H . 32.97 -53.08 -31.04
O1 VO4 H . 32.43 -53.97 -29.99
PB ADP I . -15.57 16.70 48.53
O1B ADP I . -15.39 15.35 48.05
O2B ADP I . -15.59 18.02 47.64
PA ADP I . -17.31 16.26 46.54
O1A ADP I . -16.76 17.39 45.75
O2A ADP I . -16.54 14.90 46.15
O3A ADP I . -17.13 16.56 48.12
O5' ADP I . -18.87 16.08 46.14
C5' ADP I . -18.85 15.75 44.73
C4' ADP I . -20.25 15.53 44.15
O4' ADP I . -21.05 16.73 44.26
C3' ADP I . -20.14 15.16 42.66
O3' ADP I . -20.78 13.91 42.38
C2' ADP I . -20.75 16.33 41.87
O2' ADP I . -21.83 15.88 41.04
C1' ADP I . -21.24 17.35 42.94
N9 ADP I . -20.51 18.65 42.84
C8 ADP I . -19.39 19.03 43.54
N7 ADP I . -19.03 20.22 43.21
C5 ADP I . -19.87 20.68 42.28
C6 ADP I . -19.97 21.88 41.56
N6 ADP I . -19.05 22.87 41.75
N1 ADP I . -20.96 22.02 40.67
C2 ADP I . -21.84 21.06 40.46
N3 ADP I . -21.79 19.92 41.12
C4 ADP I . -20.83 19.69 42.03
V VO4 J . -14.84 16.97 50.87
O1 VO4 J . -15.97 16.86 50.01
PB ADP K . 7.42 17.10 48.03
O1B ADP K . 7.25 17.48 49.39
O2B ADP K . 7.65 18.05 46.79
PA ADP K . 9.34 18.91 48.71
O1A ADP K . 8.90 19.83 47.65
O2A ADP K . 8.59 19.26 50.09
O3A ADP K . 9.01 17.36 48.29
O5' ADP K . 10.92 19.15 48.95
C5' ADP K . 11.05 20.53 49.32
C4' ADP K . 12.51 20.89 49.51
O4' ADP K . 13.21 20.70 48.26
C3' ADP K . 12.62 22.37 49.90
O3' ADP K . 13.49 22.56 51.03
C2' ADP K . 13.14 23.09 48.64
O2' ADP K . 14.37 23.79 48.92
C1' ADP K . 13.34 21.98 47.56
N9 ADP K . 12.38 22.06 46.39
C8 ADP K . 11.36 21.20 46.11
N7 ADP K . 10.74 21.54 45.05
C5 ADP K . 11.29 22.64 44.54
C6 ADP K . 11.02 23.44 43.41
N6 ADP K . 9.99 23.12 42.55
N1 ADP K . 11.79 24.52 43.17
C2 ADP K . 12.79 24.85 44.00
N3 ADP K . 13.07 24.13 45.08
C4 ADP K . 12.35 23.02 45.38
V VO4 L . 6.41 14.91 47.47
O1 VO4 L . 7.64 15.59 47.76
#